data_6EJI
#
_entry.id   6EJI
#
_cell.length_a   61.620
_cell.length_b   127.030
_cell.length_c   71.580
_cell.angle_alpha   90.00
_cell.angle_beta   90.13
_cell.angle_gamma   90.00
#
_symmetry.space_group_name_H-M   'P 1 21 1'
#
loop_
_entity.id
_entity.type
_entity.pdbx_description
1 polymer 'WlaC protein'
2 non-polymer URIDINE-DIPHOSPHATE-N-ACETYLGALACTOSAMINE
3 non-polymer 'POTASSIUM ION'
4 non-polymer GLYCEROL
5 non-polymer 'SODIUM ION'
6 non-polymer 'CHLORIDE ION'
7 water water
#
_entity_poly.entity_id   1
_entity_poly.type   'polypeptide(L)'
_entity_poly.pdbx_seq_one_letter_code
;(MSE)(MSE)(MSE)KISFIIATLNSGGAERVLVTLANALCKEHEVSIIKFHTGESFYKLENEVKVTSLEQFRFDTLYHK
IASRFKKFFALRKALKESKADVFISFLDTTNIACILANIGLKTPLIISEHSNEAYLKPKTWRFLRRVSYPFCDALSVLGS
SDKVYYERFVKRVKLLLNPCHFSDEIPFDSSFEKENLVLFIGRLDHNKNPV(MSE)FLKAIAHLDKNLQENYKFVIAGDG
ELRQELEYKVKSLGIKVDFLGRVENVKALYEKAKVLCLCSFVEGLPTVLIESLYFEVCRISSSYYNGAKDLIKDNHDGLL
VGCDDEIALAKKLELVLNDENFRKELVNNAKQRCKDFEISNIKEEWLKLIVEVKNALGSHHHHHHHHHH
;
_entity_poly.pdbx_strand_id   A,B
#
# COMPACT_ATOMS: atom_id res chain seq x y z
N LYS A 4 10.75 31.21 -14.48
CA LYS A 4 9.81 30.34 -13.79
C LYS A 4 9.86 28.97 -14.46
N ILE A 5 10.35 27.97 -13.72
CA ILE A 5 10.51 26.61 -14.22
C ILE A 5 9.55 25.71 -13.46
N SER A 6 8.67 25.02 -14.18
CA SER A 6 7.72 24.09 -13.59
C SER A 6 8.07 22.68 -14.03
N PHE A 7 8.42 21.83 -13.07
CA PHE A 7 8.62 20.41 -13.31
C PHE A 7 7.30 19.66 -13.16
N ILE A 8 7.15 18.59 -13.95
CA ILE A 8 6.00 17.70 -13.85
C ILE A 8 6.51 16.29 -13.65
N ILE A 9 5.99 15.61 -12.62
CA ILE A 9 6.38 14.25 -12.31
C ILE A 9 5.20 13.56 -11.65
N ALA A 10 5.14 12.23 -11.78
CA ALA A 10 3.97 11.51 -11.29
C ALA A 10 3.94 11.50 -9.75
N THR A 11 5.06 11.17 -9.13
CA THR A 11 5.18 11.18 -7.68
C THR A 11 6.54 11.75 -7.29
N LEU A 12 6.66 12.11 -6.01
CA LEU A 12 7.97 12.44 -5.45
C LEU A 12 8.39 11.33 -4.51
N ASN A 13 8.36 10.10 -5.02
CA ASN A 13 8.74 8.90 -4.26
C ASN A 13 10.26 8.77 -4.16
N SER A 14 10.74 7.55 -3.97
CA SER A 14 12.17 7.32 -3.78
C SER A 14 12.90 6.96 -5.06
N GLY A 15 12.21 6.93 -6.20
CA GLY A 15 12.83 6.51 -7.45
C GLY A 15 13.98 7.40 -7.87
N GLY A 16 14.75 6.91 -8.84
CA GLY A 16 15.95 7.62 -9.26
C GLY A 16 15.64 8.89 -10.02
N ALA A 17 14.58 8.88 -10.83
CA ALA A 17 14.15 10.10 -11.51
C ALA A 17 13.78 11.17 -10.50
N GLU A 18 13.08 10.78 -9.43
CA GLU A 18 12.74 11.74 -8.38
C GLU A 18 13.98 12.27 -7.69
N ARG A 19 14.96 11.39 -7.43
CA ARG A 19 16.21 11.83 -6.85
C ARG A 19 16.89 12.89 -7.72
N VAL A 20 16.86 12.71 -9.03
CA VAL A 20 17.46 13.68 -9.94
C VAL A 20 16.69 15.00 -9.92
N LEU A 21 15.36 14.91 -9.98
CA LEU A 21 14.53 16.12 -10.02
C LEU A 21 14.75 16.97 -8.77
N VAL A 22 14.75 16.34 -7.60
CA VAL A 22 14.91 17.08 -6.35
C VAL A 22 16.26 17.77 -6.30
N THR A 23 17.31 17.10 -6.79
CA THR A 23 18.61 17.73 -6.86
C THR A 23 18.61 18.91 -7.81
N LEU A 24 17.97 18.76 -8.97
CA LEU A 24 17.85 19.86 -9.92
C LEU A 24 17.03 21.01 -9.33
N ALA A 25 15.86 20.69 -8.78
CA ALA A 25 14.99 21.73 -8.22
C ALA A 25 15.72 22.51 -7.13
N ASN A 26 16.38 21.80 -6.22
CA ASN A 26 17.07 22.47 -5.12
C ASN A 26 18.21 23.35 -5.62
N ALA A 27 18.88 22.95 -6.70
CA ALA A 27 19.96 23.77 -7.22
C ALA A 27 19.46 25.01 -7.93
N LEU A 28 18.28 24.94 -8.55
CA LEU A 28 17.75 26.04 -9.34
C LEU A 28 16.89 27.01 -8.55
N CYS A 29 16.42 26.62 -7.35
CA CYS A 29 15.33 27.30 -6.69
C CYS A 29 15.71 28.62 -6.03
N LYS A 30 16.99 29.00 -5.99
CA LYS A 30 17.34 30.28 -5.38
C LYS A 30 17.46 31.40 -6.39
N GLU A 31 18.09 31.14 -7.53
CA GLU A 31 18.15 32.15 -8.57
C GLU A 31 16.86 32.20 -9.39
N HIS A 32 16.17 31.07 -9.54
CA HIS A 32 14.96 31.00 -10.34
C HIS A 32 13.78 30.56 -9.48
N GLU A 33 12.58 30.74 -10.04
CA GLU A 33 11.33 30.36 -9.39
C GLU A 33 10.94 28.96 -9.86
N VAL A 34 11.09 27.98 -8.97
CA VAL A 34 10.94 26.57 -9.31
C VAL A 34 9.68 26.04 -8.66
N SER A 35 8.87 25.34 -9.43
CA SER A 35 7.67 24.68 -8.94
C SER A 35 7.61 23.27 -9.49
N ILE A 36 6.90 22.41 -8.78
CA ILE A 36 6.72 21.01 -9.18
C ILE A 36 5.23 20.72 -9.20
N ILE A 37 4.75 20.16 -10.31
CA ILE A 37 3.39 19.66 -10.45
C ILE A 37 3.47 18.14 -10.40
N LYS A 38 2.81 17.52 -9.43
CA LYS A 38 2.82 16.07 -9.34
C LYS A 38 1.40 15.52 -9.32
N PHE A 39 1.26 14.29 -9.81
CA PHE A 39 -0.06 13.70 -10.04
C PHE A 39 -0.69 13.18 -8.75
N HIS A 40 0.12 12.85 -7.75
CA HIS A 40 -0.39 12.25 -6.52
C HIS A 40 0.12 13.00 -5.31
N THR A 41 -0.67 12.98 -4.25
CA THR A 41 -0.34 13.61 -2.98
C THR A 41 0.80 12.86 -2.29
N GLY A 42 1.40 13.51 -1.31
CA GLY A 42 2.44 12.91 -0.51
C GLY A 42 3.62 13.85 -0.30
N GLU A 43 4.41 13.55 0.73
CA GLU A 43 5.62 14.33 1.00
C GLU A 43 6.79 13.76 0.22
N SER A 44 7.68 14.65 -0.21
CA SER A 44 8.84 14.23 -0.98
C SER A 44 9.74 13.33 -0.14
N PHE A 45 10.03 12.14 -0.66
CA PHE A 45 10.94 11.23 0.03
C PHE A 45 12.32 11.86 0.18
N TYR A 46 12.78 12.59 -0.84
CA TYR A 46 14.03 13.31 -0.77
C TYR A 46 13.76 14.75 -0.34
N LYS A 47 14.69 15.31 0.43
CA LYS A 47 14.44 16.58 1.10
C LYS A 47 14.50 17.72 0.08
N LEU A 48 13.38 18.44 -0.02
CA LEU A 48 13.17 19.48 -1.02
C LEU A 48 13.28 20.83 -0.34
N GLU A 49 13.98 21.77 -0.98
CA GLU A 49 14.17 23.09 -0.39
C GLU A 49 12.84 23.82 -0.27
N ASN A 50 12.79 24.77 0.67
CA ASN A 50 11.53 25.45 0.97
C ASN A 50 11.08 26.38 -0.14
N GLU A 51 12.02 26.89 -0.96
CA GLU A 51 11.64 27.77 -2.05
C GLU A 51 10.91 27.04 -3.16
N VAL A 52 11.06 25.73 -3.25
CA VAL A 52 10.37 24.95 -4.27
C VAL A 52 8.91 24.82 -3.87
N LYS A 53 8.04 25.29 -4.74
CA LYS A 53 6.60 25.20 -4.53
C LYS A 53 6.12 23.88 -5.12
N VAL A 54 5.28 23.16 -4.39
CA VAL A 54 4.76 21.87 -4.81
C VAL A 54 3.23 21.94 -4.84
N THR A 55 2.64 21.48 -5.95
CA THR A 55 1.21 21.28 -6.06
C THR A 55 0.91 19.86 -6.50
N SER A 56 -0.21 19.34 -6.01
CA SER A 56 -0.71 18.05 -6.43
C SER A 56 -2.04 18.22 -7.14
N LEU A 57 -2.24 17.46 -8.21
CA LEU A 57 -3.52 17.45 -8.87
C LEU A 57 -4.57 16.84 -7.95
N GLU A 58 -5.84 17.14 -8.26
CA GLU A 58 -6.93 16.57 -7.49
C GLU A 58 -6.98 15.06 -7.65
N GLN A 59 -7.30 14.37 -6.56
CA GLN A 59 -7.37 12.91 -6.57
C GLN A 59 -8.78 12.44 -6.91
N PHE A 60 -8.85 11.29 -7.57
CA PHE A 60 -10.11 10.77 -8.08
C PHE A 60 -10.27 9.31 -7.71
N ARG A 61 -11.51 8.83 -7.84
CA ARG A 61 -11.81 7.43 -7.57
C ARG A 61 -11.52 6.56 -8.78
N PHE A 62 -11.08 5.32 -8.51
CA PHE A 62 -10.81 4.34 -9.55
C PHE A 62 -11.32 2.96 -9.16
N ASP A 63 -12.44 2.90 -8.43
CA ASP A 63 -12.94 1.64 -7.89
C ASP A 63 -14.06 1.03 -8.71
N THR A 64 -14.92 1.83 -9.31
CA THR A 64 -16.02 1.34 -10.12
C THR A 64 -15.69 1.55 -11.60
N LEU A 65 -16.50 0.93 -12.46
CA LEU A 65 -16.25 1.06 -13.90
C LEU A 65 -16.46 2.51 -14.34
N TYR A 66 -17.52 3.16 -13.86
CA TYR A 66 -17.75 4.55 -14.22
C TYR A 66 -16.54 5.40 -13.87
N HIS A 67 -16.04 5.26 -12.64
CA HIS A 67 -14.92 6.08 -12.21
C HIS A 67 -13.62 5.67 -12.90
N LYS A 68 -13.46 4.39 -13.23
CA LYS A 68 -12.27 3.97 -13.97
C LYS A 68 -12.17 4.66 -15.33
N ILE A 69 -13.30 5.12 -15.88
CA ILE A 69 -13.31 5.81 -17.16
C ILE A 69 -13.37 7.32 -16.98
N ALA A 70 -14.32 7.80 -16.17
CA ALA A 70 -14.49 9.24 -16.00
C ALA A 70 -13.28 9.89 -15.34
N SER A 71 -12.61 9.18 -14.42
CA SER A 71 -11.50 9.80 -13.71
C SER A 71 -10.24 9.89 -14.58
N ARG A 72 -10.09 9.02 -15.57
CA ARG A 72 -8.97 9.16 -16.50
C ARG A 72 -9.10 10.43 -17.33
N PHE A 73 -10.33 10.81 -17.68
CA PHE A 73 -10.54 12.06 -18.40
C PHE A 73 -10.40 13.26 -17.47
N LYS A 74 -10.93 13.14 -16.24
CA LYS A 74 -10.80 14.23 -15.26
C LYS A 74 -9.33 14.47 -14.91
N LYS A 75 -8.55 13.40 -14.79
CA LYS A 75 -7.14 13.55 -14.46
C LYS A 75 -6.40 14.28 -15.57
N PHE A 76 -6.71 13.96 -16.83
CA PHE A 76 -6.04 14.63 -17.95
C PHE A 76 -6.36 16.12 -17.98
N PHE A 77 -7.63 16.48 -17.74
CA PHE A 77 -8.00 17.88 -17.78
C PHE A 77 -7.58 18.64 -16.54
N ALA A 78 -7.42 17.95 -15.40
CA ALA A 78 -6.80 18.59 -14.25
C ALA A 78 -5.37 18.99 -14.55
N LEU A 79 -4.65 18.14 -15.28
CA LEU A 79 -3.28 18.48 -15.69
C LEU A 79 -3.28 19.62 -16.70
N ARG A 80 -4.18 19.57 -17.68
CA ARG A 80 -4.28 20.66 -18.65
C ARG A 80 -4.60 21.99 -17.96
N LYS A 81 -5.43 21.94 -16.92
CA LYS A 81 -5.74 23.15 -16.17
C LYS A 81 -4.50 23.65 -15.46
N ALA A 82 -3.79 22.75 -14.76
CA ALA A 82 -2.59 23.16 -14.03
C ALA A 82 -1.54 23.76 -14.96
N LEU A 83 -1.48 23.33 -16.22
CA LEU A 83 -0.55 23.89 -17.17
C LEU A 83 -1.02 25.25 -17.69
N LYS A 84 -2.32 25.35 -18.01
CA LYS A 84 -2.90 26.64 -18.39
C LYS A 84 -2.61 27.71 -17.34
N GLU A 85 -2.95 27.41 -16.08
CA GLU A 85 -2.84 28.38 -15.00
C GLU A 85 -1.42 28.61 -14.55
N SER A 86 -0.51 27.76 -14.96
CA SER A 86 0.85 27.94 -14.59
C SER A 86 1.44 29.09 -15.35
N LYS A 87 2.21 29.84 -14.65
CA LYS A 87 2.92 30.95 -15.31
C LYS A 87 4.37 30.59 -15.59
N ALA A 88 4.64 29.30 -15.79
CA ALA A 88 5.99 28.84 -16.08
C ALA A 88 6.47 29.41 -17.41
N ASP A 89 7.76 29.73 -17.46
CA ASP A 89 8.38 30.01 -18.74
C ASP A 89 8.66 28.71 -19.51
N VAL A 90 8.87 27.62 -18.79
CA VAL A 90 9.18 26.34 -19.41
C VAL A 90 8.61 25.22 -18.54
N PHE A 91 8.13 24.17 -19.20
CA PHE A 91 7.74 22.94 -18.53
C PHE A 91 8.83 21.90 -18.74
N ILE A 92 9.09 21.11 -17.71
CA ILE A 92 10.05 20.01 -17.77
C ILE A 92 9.41 18.80 -17.10
N SER A 93 9.11 17.77 -17.87
CA SER A 93 8.46 16.57 -17.36
C SER A 93 9.45 15.42 -17.27
N PHE A 94 9.21 14.51 -16.33
CA PHE A 94 10.08 13.38 -16.05
C PHE A 94 9.30 12.07 -16.26
N LEU A 95 9.94 11.11 -16.94
CA LEU A 95 9.47 9.75 -17.16
C LEU A 95 8.49 9.64 -18.33
N ASP A 96 8.56 8.52 -19.06
CA ASP A 96 7.97 8.44 -20.39
C ASP A 96 6.45 8.62 -20.36
N THR A 97 5.76 7.85 -19.53
CA THR A 97 4.30 7.96 -19.49
C THR A 97 3.86 9.36 -19.08
N THR A 98 4.61 10.02 -18.19
CA THR A 98 4.30 11.40 -17.83
C THR A 98 4.64 12.35 -18.95
N ASN A 99 5.75 12.12 -19.66
CA ASN A 99 6.09 12.93 -20.83
C ASN A 99 4.97 12.90 -21.86
N ILE A 100 4.42 11.72 -22.12
CA ILE A 100 3.35 11.59 -23.10
C ILE A 100 2.12 12.34 -22.65
N ALA A 101 1.78 12.25 -21.36
CA ALA A 101 0.60 12.96 -20.86
C ALA A 101 0.78 14.47 -20.97
N CYS A 102 2.01 14.95 -20.77
CA CYS A 102 2.26 16.39 -20.84
C CYS A 102 2.23 16.88 -22.29
N ILE A 103 2.74 16.08 -23.23
CA ILE A 103 2.69 16.48 -24.64
C ILE A 103 1.24 16.64 -25.09
N LEU A 104 0.39 15.69 -24.72
CA LEU A 104 -1.02 15.78 -25.10
C LEU A 104 -1.72 16.93 -24.38
N ALA A 105 -1.49 17.07 -23.08
CA ALA A 105 -2.17 18.10 -22.31
C ALA A 105 -1.72 19.51 -22.69
N ASN A 106 -0.51 19.64 -23.23
CA ASN A 106 0.04 20.93 -23.61
C ASN A 106 -0.34 21.34 -25.03
N ILE A 107 -1.15 20.53 -25.72
CA ILE A 107 -1.53 20.85 -27.10
C ILE A 107 -2.33 22.14 -27.11
N GLY A 108 -1.87 23.12 -27.89
CA GLY A 108 -2.55 24.39 -28.03
C GLY A 108 -2.05 25.47 -27.08
N LEU A 109 -1.44 25.10 -25.97
CA LEU A 109 -0.80 26.07 -25.09
C LEU A 109 0.55 26.45 -25.70
N LYS A 110 1.16 27.52 -25.19
CA LYS A 110 2.39 27.98 -25.83
C LYS A 110 3.63 27.84 -24.98
N THR A 111 3.52 27.57 -23.68
CA THR A 111 4.71 27.30 -22.87
C THR A 111 5.45 26.12 -23.48
N PRO A 112 6.74 26.24 -23.75
CA PRO A 112 7.49 25.11 -24.31
C PRO A 112 7.69 24.01 -23.28
N LEU A 113 7.82 22.79 -23.79
CA LEU A 113 7.90 21.59 -22.95
C LEU A 113 9.19 20.83 -23.26
N ILE A 114 10.00 20.61 -22.24
CA ILE A 114 11.17 19.74 -22.32
C ILE A 114 10.81 18.43 -21.63
N ILE A 115 10.95 17.32 -22.35
CA ILE A 115 10.71 16.00 -21.77
C ILE A 115 12.06 15.36 -21.44
N SER A 116 12.06 14.52 -20.40
CA SER A 116 13.28 13.97 -19.85
C SER A 116 13.14 12.46 -19.69
N GLU A 117 14.07 11.71 -20.28
CA GLU A 117 14.06 10.25 -20.23
C GLU A 117 15.01 9.76 -19.15
N HIS A 118 14.53 8.83 -18.33
CA HIS A 118 15.30 8.30 -17.21
C HIS A 118 15.33 6.79 -17.23
N SER A 119 15.64 6.24 -18.40
CA SER A 119 15.90 4.82 -18.60
C SER A 119 16.46 4.67 -20.00
N ASN A 120 16.87 3.45 -20.32
CA ASN A 120 17.15 3.10 -21.70
C ASN A 120 15.84 3.04 -22.48
N GLU A 121 15.90 3.37 -23.77
CA GLU A 121 14.69 3.34 -24.58
C GLU A 121 14.10 1.94 -24.62
N ALA A 122 14.93 0.90 -24.51
CA ALA A 122 14.46 -0.47 -24.58
C ALA A 122 13.70 -0.90 -23.33
N TYR A 123 13.70 -0.09 -22.28
CA TYR A 123 12.99 -0.47 -21.05
C TYR A 123 11.49 -0.49 -21.27
N LEU A 124 10.97 0.41 -22.11
CA LEU A 124 9.55 0.43 -22.45
C LEU A 124 9.22 -0.75 -23.35
N LYS A 125 8.43 -1.69 -22.85
CA LYS A 125 8.18 -2.94 -23.55
C LYS A 125 6.92 -2.94 -24.42
N PRO A 126 5.74 -2.58 -23.90
CA PRO A 126 4.51 -2.78 -24.69
C PRO A 126 4.51 -1.97 -25.98
N LYS A 127 4.08 -2.63 -27.07
CA LYS A 127 4.14 -2.02 -28.40
C LYS A 127 3.25 -0.79 -28.49
N THR A 128 2.15 -0.76 -27.73
CA THR A 128 1.25 0.39 -27.80
C THR A 128 1.89 1.64 -27.19
N TRP A 129 2.63 1.48 -26.09
CA TRP A 129 3.32 2.62 -25.49
C TRP A 129 4.48 3.07 -26.36
N ARG A 130 5.23 2.12 -26.94
CA ARG A 130 6.30 2.49 -27.87
C ARG A 130 5.75 3.22 -29.09
N PHE A 131 4.54 2.88 -29.51
CA PHE A 131 3.90 3.61 -30.60
C PHE A 131 3.54 5.02 -30.17
N LEU A 132 2.89 5.15 -29.00
CA LEU A 132 2.52 6.48 -28.51
C LEU A 132 3.76 7.36 -28.31
N ARG A 133 4.84 6.78 -27.78
CA ARG A 133 6.08 7.51 -27.64
C ARG A 133 6.60 7.97 -29.00
N ARG A 134 6.54 7.09 -29.99
CA ARG A 134 7.08 7.41 -31.32
C ARG A 134 6.31 8.54 -31.97
N VAL A 135 4.99 8.61 -31.74
CA VAL A 135 4.19 9.62 -32.42
C VAL A 135 4.08 10.92 -31.63
N SER A 136 4.27 10.90 -30.31
CA SER A 136 4.12 12.09 -29.49
C SER A 136 5.43 12.81 -29.20
N TYR A 137 6.53 12.07 -29.02
CA TYR A 137 7.81 12.71 -28.74
C TYR A 137 8.25 13.75 -29.76
N PRO A 138 8.01 13.59 -31.07
CA PRO A 138 8.40 14.66 -32.01
C PRO A 138 7.81 16.02 -31.69
N PHE A 139 6.74 16.09 -30.89
CA PHE A 139 6.08 17.34 -30.60
C PHE A 139 6.62 18.05 -29.36
N CYS A 140 7.58 17.44 -28.67
CA CYS A 140 8.26 18.15 -27.59
C CYS A 140 9.18 19.21 -28.18
N ASP A 141 9.57 20.16 -27.33
CA ASP A 141 10.51 21.18 -27.75
C ASP A 141 11.97 20.76 -27.54
N ALA A 142 12.22 19.84 -26.63
CA ALA A 142 13.54 19.25 -26.43
C ALA A 142 13.41 18.01 -25.58
N LEU A 143 14.32 17.07 -25.79
CA LEU A 143 14.36 15.82 -25.04
C LEU A 143 15.74 15.64 -24.43
N SER A 144 15.80 15.45 -23.11
CA SER A 144 17.04 15.11 -22.44
C SER A 144 17.17 13.59 -22.36
N VAL A 145 18.36 13.10 -22.68
CA VAL A 145 18.67 11.68 -22.61
C VAL A 145 19.90 11.49 -21.73
N LEU A 146 20.17 10.22 -21.39
CA LEU A 146 21.21 9.88 -20.45
C LEU A 146 22.44 9.23 -21.08
N GLY A 147 22.38 8.87 -22.35
CA GLY A 147 23.51 8.22 -23.00
C GLY A 147 23.51 8.47 -24.49
N SER A 148 24.68 8.32 -25.09
CA SER A 148 24.83 8.57 -26.53
C SER A 148 24.01 7.58 -27.36
N SER A 149 23.76 6.39 -26.83
CA SER A 149 22.97 5.40 -27.57
C SER A 149 21.52 5.82 -27.69
N ASP A 150 20.93 6.29 -26.59
CA ASP A 150 19.57 6.81 -26.68
C ASP A 150 19.52 8.13 -27.43
N LYS A 151 20.63 8.88 -27.43
CA LYS A 151 20.68 10.08 -28.25
C LYS A 151 20.48 9.75 -29.72
N VAL A 152 21.20 8.74 -30.22
CA VAL A 152 21.07 8.41 -31.64
C VAL A 152 19.72 7.78 -31.92
N TYR A 153 19.16 7.03 -30.96
CA TYR A 153 17.84 6.44 -31.17
C TYR A 153 16.78 7.52 -31.34
N TYR A 154 16.78 8.50 -30.45
CA TYR A 154 15.70 9.48 -30.44
C TYR A 154 15.87 10.56 -31.49
N GLU A 155 17.11 10.90 -31.80
CA GLU A 155 17.45 11.91 -32.77
C GLU A 155 16.90 11.64 -34.15
N ARG A 156 16.51 10.42 -34.40
CA ARG A 156 15.95 10.00 -35.67
C ARG A 156 14.57 10.59 -35.92
N PHE A 157 13.82 10.82 -34.87
CA PHE A 157 12.49 11.41 -35.00
C PHE A 157 12.24 12.57 -34.03
N VAL A 158 13.25 13.03 -33.31
CA VAL A 158 13.12 14.20 -32.44
C VAL A 158 14.19 15.22 -32.83
N LYS A 159 13.76 16.47 -33.04
CA LYS A 159 14.67 17.52 -33.51
C LYS A 159 15.81 17.75 -32.55
N ARG A 160 15.49 18.11 -31.31
CA ARG A 160 16.47 18.58 -30.35
C ARG A 160 16.51 17.61 -29.17
N VAL A 161 17.60 16.85 -29.13
CA VAL A 161 17.92 15.86 -28.13
C VAL A 161 19.24 16.21 -27.51
N LYS A 162 19.33 16.26 -26.19
CA LYS A 162 20.58 16.65 -25.55
C LYS A 162 20.96 15.63 -24.50
N LEU A 163 22.23 15.23 -24.50
CA LEU A 163 22.75 14.29 -23.51
C LEU A 163 23.07 15.07 -22.24
N LEU A 164 22.28 14.83 -21.18
CA LEU A 164 22.46 15.50 -19.89
C LEU A 164 22.65 14.42 -18.83
N LEU A 165 23.86 14.33 -18.28
CA LEU A 165 24.12 13.39 -17.21
C LEU A 165 23.36 13.82 -15.95
N ASN A 166 23.17 12.87 -15.04
CA ASN A 166 22.45 13.17 -13.82
C ASN A 166 23.38 13.76 -12.77
N PRO A 167 23.00 14.85 -12.10
CA PRO A 167 23.80 15.34 -10.98
C PRO A 167 23.62 14.44 -9.76
N CYS A 168 24.71 14.25 -9.03
CA CYS A 168 24.68 13.48 -7.78
C CYS A 168 24.81 14.45 -6.61
N HIS A 169 23.81 14.43 -5.72
CA HIS A 169 23.81 15.35 -4.59
C HIS A 169 24.97 15.11 -3.63
N PHE A 170 25.57 13.92 -3.66
CA PHE A 170 26.72 13.66 -2.80
C PHE A 170 27.95 14.45 -3.23
N SER A 171 27.97 14.96 -4.47
CA SER A 171 29.12 15.72 -4.94
C SER A 171 29.31 17.02 -4.17
N ASP A 172 28.28 17.51 -3.48
CA ASP A 172 28.36 18.73 -2.71
C ASP A 172 28.33 18.49 -1.20
N GLU A 173 28.34 17.23 -0.76
CA GLU A 173 28.26 16.92 0.66
C GLU A 173 29.48 16.17 1.18
N ILE A 174 30.09 15.31 0.38
CA ILE A 174 31.21 14.49 0.81
C ILE A 174 32.49 15.14 0.29
N PRO A 175 33.40 15.58 1.15
CA PRO A 175 34.68 16.12 0.66
C PRO A 175 35.46 15.07 -0.13
N PHE A 176 36.17 15.55 -1.15
CA PHE A 176 36.89 14.64 -2.04
C PHE A 176 38.01 13.88 -1.31
N ASP A 177 38.55 14.44 -0.24
CA ASP A 177 39.64 13.79 0.47
C ASP A 177 39.17 12.96 1.66
N SER A 178 37.87 12.67 1.73
CA SER A 178 37.33 11.87 2.82
C SER A 178 38.04 10.53 2.92
N SER A 179 38.24 10.07 4.15
CA SER A 179 38.71 8.72 4.41
C SER A 179 37.57 7.92 5.03
N PHE A 180 37.58 6.62 4.78
CA PHE A 180 36.55 5.73 5.28
C PHE A 180 37.22 4.52 5.90
N GLU A 181 36.70 4.06 7.04
CA GLU A 181 37.14 2.81 7.62
C GLU A 181 36.05 1.79 7.36
N LYS A 182 36.28 0.97 6.35
CA LYS A 182 35.28 0.09 5.79
C LYS A 182 35.08 -1.14 6.67
N GLU A 183 33.85 -1.62 6.68
CA GLU A 183 33.53 -2.89 7.33
C GLU A 183 33.41 -3.98 6.28
N ASN A 184 33.31 -5.22 6.75
CA ASN A 184 33.09 -6.37 5.87
C ASN A 184 31.62 -6.36 5.46
N LEU A 185 31.30 -5.45 4.53
CA LEU A 185 29.92 -5.14 4.16
C LEU A 185 29.80 -5.12 2.65
N VAL A 186 28.79 -5.81 2.14
CA VAL A 186 28.48 -5.83 0.71
C VAL A 186 27.03 -5.39 0.54
N LEU A 187 26.80 -4.50 -0.42
CA LEU A 187 25.50 -3.87 -0.59
C LEU A 187 24.83 -4.27 -1.89
N PHE A 188 23.51 -4.38 -1.83
CA PHE A 188 22.63 -4.30 -3.00
C PHE A 188 21.62 -3.21 -2.66
N ILE A 189 21.54 -2.19 -3.51
CA ILE A 189 20.65 -1.06 -3.27
C ILE A 189 19.78 -0.88 -4.50
N GLY A 190 18.47 -1.04 -4.33
CA GLY A 190 17.58 -0.81 -5.45
C GLY A 190 16.22 -1.44 -5.24
N ARG A 191 15.29 -1.00 -6.09
CA ARG A 191 13.95 -1.59 -6.15
C ARG A 191 14.04 -3.09 -6.37
N LEU A 192 13.13 -3.82 -5.72
CA LEU A 192 13.12 -5.28 -5.78
C LEU A 192 12.09 -5.72 -6.82
N ASP A 193 12.47 -5.63 -8.09
CA ASP A 193 11.65 -6.13 -9.19
C ASP A 193 12.52 -7.01 -10.09
N HIS A 194 11.91 -7.55 -11.16
CA HIS A 194 12.60 -8.50 -12.01
C HIS A 194 13.76 -7.85 -12.75
N ASN A 195 13.57 -6.61 -13.22
CA ASN A 195 14.62 -5.96 -13.99
C ASN A 195 15.89 -5.75 -13.15
N LYS A 196 15.72 -5.39 -11.88
CA LYS A 196 16.88 -5.20 -11.01
C LYS A 196 17.55 -6.52 -10.65
N ASN A 197 16.83 -7.64 -10.74
CA ASN A 197 17.36 -8.99 -10.61
C ASN A 197 18.11 -9.22 -9.29
N PRO A 198 17.48 -8.98 -8.14
CA PRO A 198 18.18 -9.24 -6.87
C PRO A 198 18.44 -10.71 -6.61
N VAL A 199 17.76 -11.62 -7.29
CA VAL A 199 18.00 -13.04 -7.08
C VAL A 199 19.42 -13.40 -7.50
N PHE A 201 21.98 -11.57 -7.02
CA PHE A 201 22.78 -11.22 -5.85
C PHE A 201 22.76 -12.34 -4.81
N LEU A 202 21.57 -12.87 -4.53
CA LEU A 202 21.44 -13.95 -3.55
C LEU A 202 22.20 -15.20 -4.00
N LYS A 203 22.00 -15.61 -5.25
CA LYS A 203 22.67 -16.81 -5.75
C LYS A 203 24.19 -16.64 -5.74
N ALA A 204 24.68 -15.44 -6.04
CA ALA A 204 26.12 -15.20 -5.99
C ALA A 204 26.66 -15.38 -4.58
N ILE A 205 25.92 -14.90 -3.58
CA ILE A 205 26.35 -15.04 -2.19
C ILE A 205 26.49 -16.51 -1.81
N ALA A 206 25.52 -17.33 -2.21
CA ALA A 206 25.56 -18.75 -1.88
C ALA A 206 26.79 -19.44 -2.44
N HIS A 207 27.38 -18.91 -3.51
CA HIS A 207 28.55 -19.50 -4.15
C HIS A 207 29.86 -18.98 -3.61
N LEU A 208 29.84 -18.04 -2.66
CA LEU A 208 31.06 -17.48 -2.12
C LEU A 208 31.73 -18.45 -1.17
N ASP A 209 33.05 -18.32 -1.03
CA ASP A 209 33.79 -19.15 -0.10
C ASP A 209 33.08 -19.16 1.22
N LYS A 210 32.99 -20.33 1.86
CA LYS A 210 32.54 -20.29 3.24
C LYS A 210 33.20 -19.10 3.92
N ASN A 211 34.55 -19.14 4.05
CA ASN A 211 35.35 -18.09 4.70
C ASN A 211 34.70 -16.71 4.57
N LEU A 212 34.12 -16.38 3.40
CA LEU A 212 33.55 -15.04 3.19
C LEU A 212 32.12 -14.92 3.72
N GLN A 213 31.27 -15.92 3.43
CA GLN A 213 29.89 -15.85 3.89
C GLN A 213 29.78 -15.71 5.40
N GLU A 214 30.71 -16.29 6.16
CA GLU A 214 30.61 -16.21 7.62
C GLU A 214 31.28 -14.97 8.20
N ASN A 215 32.05 -14.23 7.43
CA ASN A 215 32.77 -13.06 7.95
C ASN A 215 32.31 -11.76 7.31
N TYR A 216 31.28 -11.80 6.47
CA TYR A 216 30.82 -10.61 5.77
C TYR A 216 29.32 -10.43 5.97
N LYS A 217 28.90 -9.16 5.99
CA LYS A 217 27.49 -8.80 6.02
C LYS A 217 27.03 -8.47 4.60
N PHE A 218 25.89 -9.02 4.21
CA PHE A 218 25.28 -8.76 2.91
C PHE A 218 23.94 -8.09 3.13
N VAL A 219 23.79 -6.88 2.62
CA VAL A 219 22.66 -6.02 2.94
C VAL A 219 21.93 -5.67 1.65
N ILE A 220 20.60 -5.81 1.68
CA ILE A 220 19.74 -5.38 0.59
C ILE A 220 18.93 -4.19 1.09
N ALA A 221 19.19 -3.02 0.53
CA ALA A 221 18.44 -1.81 0.86
C ALA A 221 17.47 -1.50 -0.27
N GLY A 222 16.18 -1.49 0.05
CA GLY A 222 15.15 -1.25 -0.94
C GLY A 222 13.93 -2.11 -0.72
N ASP A 223 12.87 -1.87 -1.51
CA ASP A 223 11.63 -2.62 -1.38
C ASP A 223 11.01 -2.77 -2.76
N GLY A 224 10.02 -3.64 -2.84
CA GLY A 224 9.35 -3.90 -4.10
C GLY A 224 8.53 -5.16 -4.05
N GLU A 225 7.99 -5.51 -5.21
CA GLU A 225 7.07 -6.64 -5.33
C GLU A 225 7.70 -7.96 -4.90
N LEU A 226 9.02 -8.11 -5.10
CA LEU A 226 9.69 -9.39 -4.89
C LEU A 226 10.20 -9.59 -3.47
N ARG A 227 9.91 -8.68 -2.55
CA ARG A 227 10.48 -8.74 -1.20
C ARG A 227 10.19 -10.08 -0.53
N GLN A 228 8.93 -10.49 -0.52
CA GLN A 228 8.52 -11.71 0.16
C GLN A 228 9.20 -12.93 -0.45
N GLU A 229 9.23 -13.00 -1.79
CA GLU A 229 9.79 -14.17 -2.47
C GLU A 229 11.31 -14.22 -2.32
N LEU A 230 11.96 -13.07 -2.11
CA LEU A 230 13.41 -13.07 -1.89
C LEU A 230 13.76 -13.60 -0.51
N GLU A 231 12.95 -13.27 0.51
CA GLU A 231 13.24 -13.74 1.85
C GLU A 231 13.10 -15.26 1.95
N TYR A 232 12.23 -15.86 1.13
CA TYR A 232 12.15 -17.31 1.09
C TYR A 232 13.37 -17.91 0.42
N LYS A 233 13.84 -17.30 -0.67
CA LYS A 233 15.04 -17.78 -1.34
C LYS A 233 16.23 -17.73 -0.40
N VAL A 234 16.31 -16.69 0.44
CA VAL A 234 17.39 -16.60 1.42
C VAL A 234 17.37 -17.77 2.37
N LYS A 235 16.18 -18.21 2.75
CA LYS A 235 16.02 -19.33 3.64
C LYS A 235 16.37 -20.62 2.95
N SER A 236 15.89 -20.77 1.75
CA SER A 236 16.14 -21.96 0.99
C SER A 236 17.56 -22.17 0.50
N LEU A 237 18.35 -21.11 0.42
CA LEU A 237 19.69 -21.19 -0.01
C LEU A 237 20.57 -21.34 1.19
N GLY A 238 20.03 -21.03 2.34
CA GLY A 238 20.82 -21.14 3.57
C GLY A 238 21.89 -20.08 3.68
N ILE A 239 21.58 -18.83 3.31
CA ILE A 239 22.49 -17.72 3.43
C ILE A 239 21.91 -16.70 4.40
N LYS A 240 22.75 -15.75 4.79
CA LYS A 240 22.36 -14.69 5.71
C LYS A 240 22.41 -13.36 4.97
N VAL A 241 21.24 -12.82 4.67
CA VAL A 241 21.10 -11.51 4.04
C VAL A 241 20.13 -10.70 4.89
N ASP A 242 20.45 -9.42 5.08
CA ASP A 242 19.63 -8.53 5.89
C ASP A 242 18.85 -7.53 5.06
N PHE A 243 17.53 -7.71 5.03
CA PHE A 243 16.63 -6.82 4.29
C PHE A 243 16.31 -5.63 5.18
N LEU A 244 16.81 -4.46 4.81
CA LEU A 244 16.54 -3.23 5.55
C LEU A 244 15.26 -2.54 5.10
N GLY A 245 14.59 -3.06 4.09
CA GLY A 245 13.50 -2.30 3.50
C GLY A 245 14.07 -1.06 2.82
N ARG A 246 13.18 -0.08 2.60
CA ARG A 246 13.61 1.17 2.02
C ARG A 246 14.20 2.06 3.11
N VAL A 247 15.45 2.48 2.92
CA VAL A 247 16.22 3.20 3.92
C VAL A 247 16.41 4.63 3.45
N GLU A 248 16.39 5.57 4.39
CA GLU A 248 16.57 6.99 4.07
C GLU A 248 18.02 7.42 4.19
N ASN A 249 18.77 6.74 5.06
CA ASN A 249 20.18 7.06 5.28
C ASN A 249 21.07 6.03 4.56
N VAL A 250 21.09 6.14 3.23
CA VAL A 250 21.98 5.31 2.43
C VAL A 250 23.43 5.76 2.59
N LYS A 251 23.65 7.01 3.01
CA LYS A 251 25.00 7.50 3.24
C LYS A 251 25.75 6.64 4.25
N ALA A 252 25.06 6.22 5.32
CA ALA A 252 25.71 5.40 6.34
C ALA A 252 26.10 4.04 5.81
N LEU A 253 25.30 3.48 4.89
CA LEU A 253 25.67 2.21 4.27
C LEU A 253 26.90 2.38 3.37
N TYR A 254 26.87 3.38 2.49
CA TYR A 254 27.98 3.62 1.58
C TYR A 254 29.28 3.86 2.32
N GLU A 255 29.23 4.56 3.45
CA GLU A 255 30.45 4.88 4.18
C GLU A 255 31.16 3.61 4.66
N LYS A 256 30.39 2.63 5.13
CA LYS A 256 30.97 1.42 5.70
C LYS A 256 31.21 0.32 4.66
N ALA A 257 30.56 0.39 3.50
CA ALA A 257 30.57 -0.72 2.56
C ALA A 257 31.84 -0.76 1.74
N LYS A 258 32.32 -1.98 1.48
CA LYS A 258 33.47 -2.18 0.59
C LYS A 258 33.05 -2.35 -0.86
N VAL A 259 31.89 -2.94 -1.12
CA VAL A 259 31.50 -3.36 -2.46
C VAL A 259 30.00 -3.15 -2.62
N LEU A 260 29.59 -2.73 -3.82
CA LEU A 260 28.19 -2.70 -4.21
C LEU A 260 28.00 -3.50 -5.49
N CYS A 261 26.89 -4.23 -5.57
CA CYS A 261 26.56 -5.06 -6.73
C CYS A 261 25.31 -4.52 -7.41
N LEU A 262 25.38 -4.36 -8.73
CA LEU A 262 24.22 -4.07 -9.56
C LEU A 262 24.01 -5.22 -10.52
N CYS A 263 22.78 -5.74 -10.57
CA CYS A 263 22.48 -6.94 -11.34
C CYS A 263 21.43 -6.73 -12.42
N SER A 264 21.19 -5.49 -12.82
CA SER A 264 20.04 -5.19 -13.67
C SER A 264 20.24 -5.68 -15.10
N PHE A 265 19.12 -5.96 -15.77
CA PHE A 265 19.13 -6.24 -17.20
C PHE A 265 19.20 -4.97 -18.02
N VAL A 266 18.44 -3.95 -17.62
CA VAL A 266 18.26 -2.72 -18.40
C VAL A 266 18.34 -1.54 -17.43
N GLU A 267 19.23 -0.59 -17.71
CA GLU A 267 19.34 0.61 -16.91
C GLU A 267 19.55 1.80 -17.84
N GLY A 268 19.20 2.98 -17.33
CA GLY A 268 19.53 4.22 -18.01
C GLY A 268 20.91 4.69 -17.60
N LEU A 269 21.00 5.26 -16.41
CA LEU A 269 22.27 5.70 -15.84
C LEU A 269 22.21 5.44 -14.33
N PRO A 270 22.48 4.21 -13.91
CA PRO A 270 22.11 3.79 -12.55
C PRO A 270 22.75 4.64 -11.47
N THR A 271 21.90 5.15 -10.57
CA THR A 271 22.35 6.11 -9.57
C THR A 271 23.34 5.50 -8.58
N VAL A 272 23.20 4.21 -8.26
CA VAL A 272 24.09 3.61 -7.28
C VAL A 272 25.50 3.42 -7.82
N LEU A 273 25.66 3.37 -9.14
CA LEU A 273 27.01 3.33 -9.73
C LEU A 273 27.65 4.70 -9.78
N ILE A 274 26.91 5.75 -9.49
CA ILE A 274 27.45 7.10 -9.36
C ILE A 274 27.68 7.45 -7.90
N GLU A 275 26.70 7.17 -7.05
CA GLU A 275 26.82 7.46 -5.62
C GLU A 275 28.01 6.73 -5.01
N SER A 276 28.30 5.52 -5.50
CA SER A 276 29.41 4.74 -4.96
C SER A 276 30.75 5.44 -5.13
N LEU A 277 30.87 6.29 -6.16
CA LEU A 277 32.14 6.93 -6.46
C LEU A 277 32.63 7.80 -5.30
N TYR A 278 31.71 8.41 -4.57
CA TYR A 278 32.05 9.38 -3.53
C TYR A 278 32.37 8.74 -2.19
N PHE A 279 32.19 7.43 -2.04
CA PHE A 279 32.42 6.74 -0.78
C PHE A 279 33.42 5.61 -0.91
N GLU A 280 34.18 5.56 -2.01
CA GLU A 280 35.17 4.52 -2.24
C GLU A 280 34.55 3.12 -2.12
N VAL A 281 33.35 2.97 -2.66
CA VAL A 281 32.67 1.68 -2.73
C VAL A 281 32.98 1.07 -4.09
N CYS A 282 33.54 -0.14 -4.08
CA CYS A 282 33.92 -0.80 -5.33
C CYS A 282 32.67 -1.30 -6.04
N ARG A 283 32.57 -0.99 -7.32
CA ARG A 283 31.37 -1.27 -8.10
C ARG A 283 31.55 -2.54 -8.90
N ILE A 284 30.63 -3.48 -8.72
CA ILE A 284 30.52 -4.67 -9.56
C ILE A 284 29.15 -4.65 -10.19
N SER A 285 29.11 -4.71 -11.51
CA SER A 285 27.87 -4.52 -12.23
C SER A 285 27.73 -5.54 -13.35
N SER A 286 26.51 -6.02 -13.54
CA SER A 286 26.17 -6.68 -14.78
C SER A 286 26.36 -5.71 -15.93
N SER A 287 26.58 -6.27 -17.13
CA SER A 287 26.60 -5.45 -18.33
C SER A 287 25.16 -5.25 -18.80
N TYR A 288 24.42 -4.45 -18.03
CA TYR A 288 23.05 -4.13 -18.37
C TYR A 288 23.00 -3.53 -19.76
N TYR A 289 21.84 -3.68 -20.41
CA TYR A 289 21.77 -3.30 -21.82
C TYR A 289 22.21 -1.87 -22.02
N ASN A 290 23.33 -1.83 -22.70
CA ASN A 290 24.10 -0.79 -23.24
C ASN A 290 24.92 0.33 -22.65
N GLY A 291 24.65 0.91 -21.50
CA GLY A 291 25.49 1.97 -21.00
C GLY A 291 26.56 1.59 -19.99
N ALA A 292 26.74 0.30 -19.71
CA ALA A 292 27.58 -0.10 -18.57
C ALA A 292 29.02 0.36 -18.74
N LYS A 293 29.56 0.30 -19.96
CA LYS A 293 30.95 0.69 -20.15
C LYS A 293 31.14 2.21 -20.14
N ASP A 294 30.06 2.98 -20.14
CA ASP A 294 30.16 4.42 -19.93
C ASP A 294 30.36 4.78 -18.47
N LEU A 295 30.15 3.85 -17.54
CA LEU A 295 30.34 4.09 -16.12
C LEU A 295 31.45 3.28 -15.49
N ILE A 296 31.80 2.13 -16.05
CA ILE A 296 32.83 1.26 -15.51
C ILE A 296 33.80 0.89 -16.62
N LYS A 297 35.09 1.16 -16.39
CA LYS A 297 36.15 0.56 -17.20
C LYS A 297 36.57 -0.73 -16.49
N ASP A 298 36.23 -1.86 -17.10
CA ASP A 298 36.42 -3.16 -16.48
C ASP A 298 37.88 -3.36 -16.07
N ASN A 299 38.09 -3.69 -14.79
CA ASN A 299 39.38 -3.93 -14.14
C ASN A 299 40.21 -2.68 -13.97
N HIS A 300 39.66 -1.49 -14.21
CA HIS A 300 40.34 -0.24 -13.95
C HIS A 300 39.69 0.57 -12.84
N ASP A 301 38.36 0.73 -12.88
CA ASP A 301 37.64 1.44 -11.83
C ASP A 301 36.41 0.68 -11.37
N GLY A 302 36.37 -0.62 -11.62
CA GLY A 302 35.20 -1.42 -11.33
C GLY A 302 35.26 -2.70 -12.14
N LEU A 303 34.24 -3.54 -11.94
CA LEU A 303 34.21 -4.85 -12.56
C LEU A 303 32.85 -5.11 -13.19
N LEU A 304 32.87 -5.69 -14.39
CA LEU A 304 31.67 -6.02 -15.14
C LEU A 304 31.52 -7.52 -15.27
N VAL A 305 30.27 -7.98 -15.23
CA VAL A 305 29.95 -9.38 -15.47
C VAL A 305 28.83 -9.44 -16.51
N GLY A 306 28.65 -10.62 -17.09
CA GLY A 306 27.53 -10.82 -17.99
C GLY A 306 26.21 -10.78 -17.24
N CYS A 307 25.16 -10.42 -17.97
CA CYS A 307 23.82 -10.37 -17.38
C CYS A 307 23.42 -11.78 -16.91
N ASP A 308 22.83 -11.84 -15.72
CA ASP A 308 22.27 -13.06 -15.15
C ASP A 308 23.33 -14.11 -14.86
N ASP A 309 24.59 -13.71 -14.72
CA ASP A 309 25.71 -14.64 -14.52
C ASP A 309 26.12 -14.58 -13.05
N GLU A 310 25.39 -15.33 -12.23
CA GLU A 310 25.66 -15.35 -10.80
C GLU A 310 27.00 -15.99 -10.46
N ILE A 311 27.51 -16.88 -11.32
CA ILE A 311 28.82 -17.48 -11.07
C ILE A 311 29.92 -16.45 -11.26
N ALA A 312 29.84 -15.67 -12.34
CA ALA A 312 30.83 -14.62 -12.57
C ALA A 312 30.77 -13.56 -11.48
N LEU A 313 29.57 -13.23 -11.00
CA LEU A 313 29.45 -12.25 -9.93
C LEU A 313 30.16 -12.74 -8.66
N ALA A 314 30.05 -14.04 -8.36
CA ALA A 314 30.70 -14.58 -7.18
C ALA A 314 32.21 -14.51 -7.31
N LYS A 315 32.74 -14.82 -8.50
CA LYS A 315 34.18 -14.78 -8.70
C LYS A 315 34.73 -13.36 -8.60
N LYS A 316 34.03 -12.39 -9.19
CA LYS A 316 34.45 -11.00 -9.07
C LYS A 316 34.36 -10.52 -7.63
N LEU A 317 33.32 -10.94 -6.91
CA LEU A 317 33.22 -10.62 -5.49
C LEU A 317 34.42 -11.16 -4.73
N GLU A 318 34.75 -12.44 -4.94
CA GLU A 318 35.90 -13.03 -4.27
C GLU A 318 37.20 -12.34 -4.68
N LEU A 319 37.27 -11.83 -5.90
CA LEU A 319 38.51 -11.24 -6.39
C LEU A 319 38.85 -9.95 -5.65
N VAL A 320 37.86 -9.17 -5.23
CA VAL A 320 38.15 -7.92 -4.52
C VAL A 320 38.11 -8.15 -3.02
N LEU A 321 37.30 -9.11 -2.56
CA LEU A 321 37.23 -9.36 -1.12
C LEU A 321 38.46 -10.09 -0.62
N ASN A 322 39.12 -10.88 -1.47
CA ASN A 322 40.36 -11.56 -1.13
C ASN A 322 41.60 -10.78 -1.53
N ASP A 323 41.44 -9.52 -1.98
CA ASP A 323 42.59 -8.70 -2.40
C ASP A 323 42.21 -7.24 -2.17
N GLU A 324 42.51 -6.74 -0.97
CA GLU A 324 42.11 -5.38 -0.60
C GLU A 324 42.88 -4.34 -1.40
N ASN A 325 44.17 -4.61 -1.71
CA ASN A 325 44.93 -3.65 -2.50
C ASN A 325 44.36 -3.48 -3.90
N PHE A 326 43.82 -4.56 -4.48
CA PHE A 326 43.18 -4.45 -5.79
C PHE A 326 41.88 -3.69 -5.69
N ARG A 327 41.11 -3.89 -4.62
CA ARG A 327 39.88 -3.13 -4.43
C ARG A 327 40.19 -1.66 -4.24
N LYS A 328 41.24 -1.34 -3.48
CA LYS A 328 41.60 0.06 -3.25
C LYS A 328 42.06 0.73 -4.53
N GLU A 329 42.74 -0.01 -5.40
CA GLU A 329 43.17 0.55 -6.69
C GLU A 329 41.96 0.90 -7.55
N LEU A 330 40.97 0.00 -7.59
CA LEU A 330 39.77 0.25 -8.40
C LEU A 330 39.03 1.50 -7.94
N VAL A 331 38.85 1.66 -6.62
CA VAL A 331 38.09 2.79 -6.14
C VAL A 331 38.91 4.09 -6.22
N ASN A 332 40.23 3.99 -6.16
CA ASN A 332 41.06 5.18 -6.36
C ASN A 332 40.95 5.67 -7.81
N ASN A 333 41.00 4.76 -8.76
CA ASN A 333 40.80 5.15 -10.16
C ASN A 333 39.39 5.68 -10.39
N ALA A 334 38.40 5.13 -9.68
CA ALA A 334 37.02 5.56 -9.88
C ALA A 334 36.80 7.00 -9.44
N LYS A 335 37.64 7.51 -8.52
CA LYS A 335 37.48 8.86 -8.02
C LYS A 335 37.63 9.91 -9.12
N GLN A 336 38.33 9.59 -10.21
CA GLN A 336 38.47 10.52 -11.31
C GLN A 336 37.14 10.87 -11.96
N ARG A 337 36.11 10.06 -11.74
CA ARG A 337 34.81 10.28 -12.35
C ARG A 337 33.88 11.14 -11.50
N CYS A 338 34.27 11.47 -10.27
CA CYS A 338 33.40 12.24 -9.40
C CYS A 338 33.06 13.60 -10.00
N LYS A 339 33.96 14.18 -10.78
CA LYS A 339 33.73 15.49 -11.36
C LYS A 339 32.72 15.46 -12.49
N ASP A 340 32.41 14.28 -13.04
CA ASP A 340 31.46 14.18 -14.14
C ASP A 340 30.02 14.45 -13.72
N PHE A 341 29.74 14.44 -12.42
CA PHE A 341 28.37 14.48 -11.94
C PHE A 341 28.16 15.60 -10.92
N GLU A 342 28.98 16.63 -10.97
CA GLU A 342 28.80 17.77 -10.07
C GLU A 342 27.58 18.57 -10.48
N ILE A 343 26.85 19.06 -9.47
CA ILE A 343 25.59 19.75 -9.72
C ILE A 343 25.79 21.01 -10.53
N SER A 344 26.91 21.71 -10.31
CA SER A 344 27.09 23.05 -10.86
C SER A 344 27.16 23.02 -12.39
N ASN A 345 27.97 22.12 -12.95
CA ASN A 345 28.10 22.07 -14.41
C ASN A 345 26.83 21.55 -15.08
N ILE A 346 26.14 20.60 -14.44
CA ILE A 346 24.94 20.03 -15.05
C ILE A 346 23.78 21.01 -14.96
N LYS A 347 23.73 21.80 -13.89
CA LYS A 347 22.69 22.83 -13.77
C LYS A 347 22.80 23.85 -14.90
N GLU A 348 24.02 24.26 -15.24
CA GLU A 348 24.19 25.26 -16.29
C GLU A 348 23.86 24.70 -17.66
N GLU A 349 24.08 23.40 -17.90
CA GLU A 349 23.70 22.83 -19.17
C GLU A 349 22.17 22.71 -19.30
N TRP A 350 21.47 22.52 -18.18
CA TRP A 350 20.02 22.61 -18.23
C TRP A 350 19.58 24.05 -18.54
N LEU A 351 20.22 25.03 -17.91
CA LEU A 351 19.88 26.42 -18.21
C LEU A 351 20.20 26.79 -19.65
N LYS A 352 21.28 26.23 -20.21
CA LYS A 352 21.56 26.45 -21.62
C LYS A 352 20.46 25.86 -22.50
N LEU A 353 19.99 24.67 -22.16
CA LEU A 353 18.93 24.04 -22.96
C LEU A 353 17.62 24.81 -22.84
N ILE A 354 17.29 25.30 -21.64
CA ILE A 354 16.08 26.08 -21.45
C ILE A 354 16.13 27.36 -22.27
N VAL A 355 17.28 28.04 -22.28
CA VAL A 355 17.43 29.26 -23.07
C VAL A 355 17.32 28.96 -24.55
N GLU A 356 17.96 27.86 -24.99
CA GLU A 356 17.88 27.49 -26.41
C GLU A 356 16.45 27.20 -26.83
N VAL A 357 15.66 26.62 -25.93
CA VAL A 357 14.27 26.32 -26.24
C VAL A 357 13.41 27.58 -26.15
N LYS A 358 13.71 28.48 -25.23
CA LYS A 358 12.95 29.72 -25.12
C LYS A 358 13.20 30.66 -26.29
N ASN A 359 14.39 30.58 -26.91
CA ASN A 359 14.76 31.49 -27.99
C ASN A 359 14.34 30.99 -29.36
N ALA A 360 13.98 29.70 -29.49
CA ALA A 360 13.38 29.23 -30.73
C ALA A 360 11.97 29.75 -30.93
N LYS B 4 -25.46 17.07 4.95
CA LYS B 4 -24.13 16.60 4.58
C LYS B 4 -23.59 15.71 5.70
N ILE B 5 -23.06 14.56 5.32
CA ILE B 5 -22.58 13.56 6.27
C ILE B 5 -21.18 13.15 5.82
N SER B 6 -20.21 13.28 6.72
CA SER B 6 -18.84 12.87 6.45
C SER B 6 -18.47 11.72 7.37
N PHE B 7 -18.14 10.58 6.78
CA PHE B 7 -17.63 9.43 7.52
C PHE B 7 -16.11 9.46 7.56
N ILE B 8 -15.55 9.10 8.71
CA ILE B 8 -14.10 8.98 8.86
C ILE B 8 -13.77 7.54 9.23
N ILE B 9 -12.85 6.94 8.48
CA ILE B 9 -12.41 5.57 8.72
C ILE B 9 -10.96 5.48 8.27
N ALA B 10 -10.24 4.51 8.85
CA ALA B 10 -8.80 4.39 8.57
C ALA B 10 -8.56 3.94 7.14
N THR B 11 -9.25 2.89 6.70
CA THR B 11 -9.14 2.38 5.34
C THR B 11 -10.51 1.98 4.82
N LEU B 12 -10.58 1.73 3.52
CA LEU B 12 -11.73 1.07 2.90
C LEU B 12 -11.35 -0.32 2.40
N ASN B 13 -10.47 -1.00 3.11
CA ASN B 13 -10.10 -2.38 2.82
C ASN B 13 -11.25 -3.30 3.25
N SER B 14 -11.02 -4.61 3.16
CA SER B 14 -11.98 -5.56 3.70
C SER B 14 -11.99 -5.46 5.22
N GLY B 15 -13.15 -5.71 5.80
CA GLY B 15 -13.31 -5.62 7.24
C GLY B 15 -14.75 -5.30 7.60
N GLY B 16 -15.13 -5.68 8.83
CA GLY B 16 -16.50 -5.51 9.26
C GLY B 16 -16.94 -4.05 9.30
N ALA B 17 -16.12 -3.20 9.92
CA ALA B 17 -16.47 -1.78 10.01
C ALA B 17 -16.57 -1.15 8.63
N GLU B 18 -15.65 -1.49 7.72
CA GLU B 18 -15.73 -0.98 6.35
C GLU B 18 -17.00 -1.48 5.67
N ARG B 19 -17.31 -2.76 5.83
CA ARG B 19 -18.53 -3.32 5.25
C ARG B 19 -19.76 -2.57 5.75
N VAL B 20 -19.82 -2.27 7.05
CA VAL B 20 -20.94 -1.53 7.59
C VAL B 20 -20.99 -0.11 7.03
N LEU B 21 -19.83 0.55 6.97
CA LEU B 21 -19.79 1.93 6.48
C LEU B 21 -20.27 2.01 5.04
N VAL B 22 -19.82 1.10 4.18
CA VAL B 22 -20.20 1.15 2.77
C VAL B 22 -21.69 0.92 2.61
N THR B 23 -22.26 0.00 3.38
CA THR B 23 -23.69 -0.21 3.36
C THR B 23 -24.44 1.05 3.80
N LEU B 24 -23.95 1.71 4.85
CA LEU B 24 -24.60 2.92 5.34
C LEU B 24 -24.45 4.07 4.34
N ALA B 25 -23.23 4.27 3.82
CA ALA B 25 -23.01 5.34 2.85
C ALA B 25 -23.88 5.14 1.62
N ASN B 26 -23.95 3.91 1.12
CA ASN B 26 -24.75 3.63 -0.08
C ASN B 26 -26.22 3.92 0.16
N ALA B 27 -26.72 3.65 1.36
CA ALA B 27 -28.13 3.88 1.65
C ALA B 27 -28.43 5.37 1.79
N LEU B 28 -27.49 6.13 2.34
CA LEU B 28 -27.71 7.55 2.62
C LEU B 28 -27.40 8.46 1.46
N CYS B 29 -26.64 8.01 0.47
CA CYS B 29 -26.10 8.93 -0.53
C CYS B 29 -27.11 9.41 -1.56
N LYS B 30 -28.34 8.89 -1.57
CA LYS B 30 -29.28 9.42 -2.55
C LYS B 30 -30.09 10.58 -2.01
N GLU B 31 -30.52 10.52 -0.75
CA GLU B 31 -31.22 11.65 -0.17
C GLU B 31 -30.27 12.72 0.37
N HIS B 32 -29.10 12.32 0.85
CA HIS B 32 -28.13 13.24 1.44
C HIS B 32 -26.83 13.23 0.64
N GLU B 33 -25.94 14.16 0.98
CA GLU B 33 -24.61 14.21 0.39
C GLU B 33 -23.61 13.57 1.35
N VAL B 34 -23.01 12.48 0.90
CA VAL B 34 -22.18 11.62 1.74
C VAL B 34 -20.76 11.69 1.23
N SER B 35 -19.80 11.89 2.14
CA SER B 35 -18.40 11.80 1.81
C SER B 35 -17.69 10.93 2.85
N ILE B 36 -16.56 10.38 2.44
CA ILE B 36 -15.73 9.54 3.30
C ILE B 36 -14.34 10.12 3.33
N ILE B 37 -13.82 10.34 4.54
CA ILE B 37 -12.42 10.71 4.74
C ILE B 37 -11.71 9.46 5.24
N LYS B 38 -10.64 9.05 4.57
CA LYS B 38 -9.90 7.87 4.98
C LYS B 38 -8.43 8.21 5.18
N PHE B 39 -7.80 7.49 6.11
CA PHE B 39 -6.43 7.80 6.50
C PHE B 39 -5.41 7.26 5.50
N HIS B 40 -5.75 6.17 4.81
CA HIS B 40 -4.80 5.49 3.93
C HIS B 40 -5.34 5.41 2.52
N THR B 41 -4.42 5.37 1.55
CA THR B 41 -4.78 5.33 0.14
C THR B 41 -5.18 3.92 -0.26
N GLY B 42 -5.92 3.84 -1.37
CA GLY B 42 -6.38 2.57 -1.89
C GLY B 42 -7.78 2.65 -2.42
N GLU B 43 -8.21 1.67 -3.21
CA GLU B 43 -9.57 1.65 -3.71
C GLU B 43 -10.46 0.84 -2.78
N SER B 44 -11.74 1.20 -2.74
CA SER B 44 -12.68 0.57 -1.83
C SER B 44 -12.90 -0.89 -2.22
N PHE B 45 -12.67 -1.79 -1.26
CA PHE B 45 -12.85 -3.21 -1.53
C PHE B 45 -14.31 -3.54 -1.79
N TYR B 46 -15.22 -2.97 -1.00
CA TYR B 46 -16.64 -3.18 -1.21
C TYR B 46 -17.20 -2.14 -2.17
N LYS B 47 -18.22 -2.55 -2.93
CA LYS B 47 -18.76 -1.71 -4.00
C LYS B 47 -19.42 -0.47 -3.41
N LEU B 48 -18.88 0.69 -3.76
CA LEU B 48 -19.33 1.98 -3.24
C LEU B 48 -20.08 2.72 -4.34
N GLU B 49 -21.22 3.31 -3.98
CA GLU B 49 -22.02 4.06 -4.94
C GLU B 49 -21.22 5.20 -5.54
N ASN B 50 -21.50 5.50 -6.82
CA ASN B 50 -20.72 6.50 -7.54
C ASN B 50 -20.90 7.90 -6.95
N GLU B 51 -22.02 8.17 -6.28
CA GLU B 51 -22.27 9.49 -5.72
C GLU B 51 -21.40 9.81 -4.52
N VAL B 52 -20.87 8.78 -3.84
CA VAL B 52 -20.14 9.02 -2.61
C VAL B 52 -18.79 9.64 -2.93
N LYS B 53 -18.48 10.74 -2.26
CA LYS B 53 -17.19 11.41 -2.42
C LYS B 53 -16.19 10.82 -1.44
N VAL B 54 -14.98 10.55 -1.93
CA VAL B 54 -13.94 9.92 -1.13
C VAL B 54 -12.69 10.79 -1.18
N THR B 55 -12.10 11.03 -0.01
CA THR B 55 -10.87 11.78 0.12
C THR B 55 -9.91 11.02 1.01
N SER B 56 -8.65 10.94 0.58
CA SER B 56 -7.59 10.32 1.37
C SER B 56 -6.72 11.39 1.99
N LEU B 57 -6.37 11.21 3.26
CA LEU B 57 -5.37 12.05 3.88
C LEU B 57 -4.01 11.77 3.26
N GLU B 58 -3.15 12.78 3.27
CA GLU B 58 -1.79 12.63 2.80
C GLU B 58 -1.08 11.54 3.61
N GLN B 59 -0.26 10.73 2.93
CA GLN B 59 0.52 9.69 3.58
C GLN B 59 1.86 10.25 4.04
N PHE B 60 2.32 9.77 5.19
CA PHE B 60 3.54 10.26 5.82
C PHE B 60 4.47 9.09 6.11
N ARG B 61 5.74 9.41 6.29
CA ARG B 61 6.78 8.41 6.44
C ARG B 61 6.95 8.01 7.91
N PHE B 62 7.29 6.74 8.12
CA PHE B 62 7.40 6.17 9.46
C PHE B 62 8.62 5.26 9.55
N ASP B 63 9.72 5.62 8.89
CA ASP B 63 10.89 4.76 8.88
C ASP B 63 11.95 5.15 9.89
N THR B 64 12.15 6.44 10.17
CA THR B 64 13.11 6.89 11.17
C THR B 64 12.37 7.36 12.42
N LEU B 65 13.14 7.52 13.50
CA LEU B 65 12.55 7.93 14.77
C LEU B 65 11.93 9.32 14.68
N TYR B 66 12.63 10.24 14.03
CA TYR B 66 12.11 11.59 13.81
C TYR B 66 10.77 11.54 13.09
N HIS B 67 10.70 10.80 11.98
CA HIS B 67 9.46 10.70 11.24
C HIS B 67 8.39 9.92 12.01
N LYS B 68 8.80 8.96 12.84
CA LYS B 68 7.82 8.22 13.62
C LYS B 68 7.02 9.11 14.55
N ILE B 69 7.53 10.27 14.93
CA ILE B 69 6.81 11.20 15.80
C ILE B 69 6.37 12.45 15.06
N ALA B 70 7.20 12.97 14.14
CA ALA B 70 6.77 14.14 13.37
C ALA B 70 5.56 13.83 12.52
N SER B 71 5.46 12.61 12.01
CA SER B 71 4.34 12.27 11.12
C SER B 71 3.02 12.15 11.88
N ARG B 72 3.06 11.83 13.18
CA ARG B 72 1.83 11.79 13.94
C ARG B 72 1.27 13.19 14.18
N PHE B 73 2.15 14.19 14.30
CA PHE B 73 1.68 15.57 14.33
C PHE B 73 1.18 16.00 12.96
N LYS B 74 1.88 15.61 11.90
CA LYS B 74 1.45 15.96 10.56
C LYS B 74 0.13 15.29 10.19
N LYS B 75 -0.07 14.04 10.63
CA LYS B 75 -1.34 13.38 10.35
C LYS B 75 -2.46 13.97 11.20
N PHE B 76 -2.14 14.39 12.43
CA PHE B 76 -3.14 15.07 13.25
C PHE B 76 -3.65 16.32 12.57
N PHE B 77 -2.73 17.13 12.03
CA PHE B 77 -3.13 18.39 11.41
C PHE B 77 -3.73 18.17 10.01
N ALA B 78 -3.34 17.10 9.32
CA ALA B 78 -4.01 16.76 8.07
C ALA B 78 -5.47 16.41 8.33
N LEU B 79 -5.74 15.68 9.42
CA LEU B 79 -7.12 15.34 9.76
C LEU B 79 -7.88 16.57 10.20
N ARG B 80 -7.27 17.41 11.05
CA ARG B 80 -7.94 18.63 11.49
C ARG B 80 -8.31 19.52 10.32
N LYS B 81 -7.40 19.68 9.35
CA LYS B 81 -7.69 20.48 8.18
C LYS B 81 -8.78 19.85 7.34
N ALA B 82 -8.74 18.53 7.15
CA ALA B 82 -9.79 17.85 6.40
C ALA B 82 -11.16 18.04 7.05
N LEU B 83 -11.20 18.17 8.38
CA LEU B 83 -12.47 18.38 9.06
C LEU B 83 -12.98 19.80 8.86
N LYS B 84 -12.08 20.80 9.00
CA LYS B 84 -12.49 22.18 8.75
C LYS B 84 -12.86 22.39 7.29
N GLU B 85 -12.05 21.85 6.37
CA GLU B 85 -12.38 21.94 4.96
C GLU B 85 -13.80 21.45 4.71
N SER B 86 -14.16 20.29 5.28
CA SER B 86 -15.46 19.71 5.03
C SER B 86 -16.57 20.55 5.62
N LYS B 87 -17.62 20.72 4.81
CA LYS B 87 -18.87 21.42 5.15
C LYS B 87 -19.89 20.49 5.77
N ALA B 88 -19.46 19.45 6.47
CA ALA B 88 -20.42 18.45 6.93
C ALA B 88 -21.27 19.00 8.05
N ASP B 89 -22.52 18.56 8.09
CA ASP B 89 -23.37 18.85 9.24
C ASP B 89 -23.07 17.91 10.40
N VAL B 90 -22.50 16.73 10.13
CA VAL B 90 -22.16 15.78 11.19
C VAL B 90 -20.96 14.94 10.75
N PHE B 91 -20.10 14.62 11.70
CA PHE B 91 -19.00 13.69 11.51
C PHE B 91 -19.35 12.36 12.15
N ILE B 92 -19.00 11.26 11.48
CA ILE B 92 -19.24 9.91 11.98
C ILE B 92 -17.96 9.11 11.75
N SER B 93 -17.25 8.78 12.83
CA SER B 93 -16.01 8.01 12.73
C SER B 93 -16.24 6.56 13.15
N PHE B 94 -15.38 5.69 12.63
CA PHE B 94 -15.48 4.24 12.83
C PHE B 94 -14.18 3.73 13.43
N LEU B 95 -14.31 2.88 14.47
CA LEU B 95 -13.21 2.18 15.13
C LEU B 95 -12.45 3.05 16.14
N ASP B 96 -11.98 2.42 17.22
CA ASP B 96 -11.60 3.16 18.42
C ASP B 96 -10.44 4.12 18.16
N THR B 97 -9.34 3.61 17.60
CA THR B 97 -8.19 4.47 17.36
C THR B 97 -8.55 5.63 16.43
N THR B 98 -9.41 5.38 15.45
CA THR B 98 -9.88 6.46 14.60
C THR B 98 -10.82 7.39 15.36
N ASN B 99 -11.68 6.83 16.21
CA ASN B 99 -12.55 7.65 17.05
C ASN B 99 -11.74 8.62 17.90
N ILE B 100 -10.68 8.13 18.52
CA ILE B 100 -9.85 8.97 19.39
C ILE B 100 -9.19 10.08 18.59
N ALA B 101 -8.66 9.76 17.41
CA ALA B 101 -8.01 10.77 16.58
C ALA B 101 -9.00 11.86 16.16
N CYS B 102 -10.26 11.48 15.89
CA CYS B 102 -11.25 12.46 15.47
C CYS B 102 -11.65 13.37 16.63
N ILE B 103 -11.78 12.81 17.84
CA ILE B 103 -12.15 13.62 18.99
C ILE B 103 -11.12 14.72 19.23
N LEU B 104 -9.84 14.37 19.16
CA LEU B 104 -8.80 15.37 19.40
C LEU B 104 -8.71 16.36 18.26
N ALA B 105 -8.77 15.89 17.01
CA ALA B 105 -8.68 16.79 15.86
C ALA B 105 -9.89 17.70 15.75
N ASN B 106 -11.03 17.31 16.33
CA ASN B 106 -12.26 18.10 16.27
C ASN B 106 -12.35 19.12 17.39
N ILE B 107 -11.34 19.22 18.24
CA ILE B 107 -11.37 20.18 19.34
C ILE B 107 -11.48 21.59 18.78
N GLY B 108 -12.52 22.31 19.18
CA GLY B 108 -12.69 23.69 18.82
C GLY B 108 -13.58 23.95 17.61
N LEU B 109 -13.78 22.95 16.76
CA LEU B 109 -14.72 23.10 15.66
C LEU B 109 -16.13 22.79 16.16
N LYS B 110 -17.13 23.35 15.48
CA LYS B 110 -18.49 23.25 15.96
C LYS B 110 -19.31 22.14 15.30
N THR B 111 -18.67 21.29 14.50
CA THR B 111 -19.41 20.17 13.91
C THR B 111 -19.51 19.03 14.93
N PRO B 112 -20.71 18.51 15.19
CA PRO B 112 -20.83 17.40 16.14
C PRO B 112 -20.26 16.11 15.56
N LEU B 113 -19.73 15.28 16.47
CA LEU B 113 -19.01 14.06 16.09
C LEU B 113 -19.67 12.86 16.75
N ILE B 114 -20.05 11.88 15.94
CA ILE B 114 -20.55 10.60 16.42
C ILE B 114 -19.47 9.55 16.21
N ILE B 115 -19.06 8.89 17.29
CA ILE B 115 -18.08 7.81 17.20
C ILE B 115 -18.82 6.49 17.23
N SER B 116 -18.26 5.49 16.54
CA SER B 116 -18.92 4.21 16.33
C SER B 116 -17.96 3.08 16.69
N GLU B 117 -18.40 2.20 17.58
CA GLU B 117 -17.59 1.07 18.01
C GLU B 117 -17.98 -0.18 17.24
N HIS B 118 -16.98 -0.94 16.79
CA HIS B 118 -17.19 -2.12 15.97
C HIS B 118 -16.37 -3.28 16.50
N SER B 119 -16.45 -3.49 17.81
CA SER B 119 -15.91 -4.65 18.49
C SER B 119 -16.45 -4.60 19.92
N ASN B 120 -16.16 -5.65 20.68
CA ASN B 120 -16.41 -5.60 22.11
C ASN B 120 -15.39 -4.67 22.77
N GLU B 121 -15.80 -4.02 23.85
CA GLU B 121 -14.88 -3.11 24.54
C GLU B 121 -13.62 -3.83 24.99
N ALA B 122 -13.73 -5.11 25.33
CA ALA B 122 -12.58 -5.85 25.82
C ALA B 122 -11.57 -6.18 24.74
N TYR B 123 -11.93 -5.96 23.46
CA TYR B 123 -11.00 -6.27 22.37
C TYR B 123 -9.76 -5.39 22.43
N LEU B 124 -9.92 -4.13 22.85
CA LEU B 124 -8.80 -3.22 23.01
C LEU B 124 -8.03 -3.59 24.27
N LYS B 125 -6.76 -3.97 24.12
CA LYS B 125 -6.01 -4.56 25.23
C LYS B 125 -4.96 -3.65 25.87
N PRO B 126 -4.15 -2.90 25.11
CA PRO B 126 -3.13 -2.08 25.76
C PRO B 126 -3.76 -1.04 26.68
N LYS B 127 -3.25 -0.95 27.91
CA LYS B 127 -3.87 -0.09 28.92
C LYS B 127 -3.73 1.39 28.59
N THR B 128 -2.72 1.76 27.79
CA THR B 128 -2.60 3.17 27.40
C THR B 128 -3.69 3.55 26.41
N TRP B 129 -4.01 2.67 25.46
CA TRP B 129 -5.12 2.92 24.55
C TRP B 129 -6.45 2.87 25.30
N ARG B 130 -6.59 1.93 26.24
CA ARG B 130 -7.79 1.91 27.07
C ARG B 130 -7.91 3.17 27.90
N PHE B 131 -6.77 3.75 28.32
CA PHE B 131 -6.80 5.01 29.06
C PHE B 131 -7.21 6.16 28.16
N LEU B 132 -6.60 6.26 26.97
CA LEU B 132 -6.96 7.30 26.02
C LEU B 132 -8.42 7.21 25.64
N ARG B 133 -8.93 5.99 25.46
CA ARG B 133 -10.35 5.82 25.18
C ARG B 133 -11.21 6.33 26.33
N ARG B 134 -10.79 6.03 27.57
CA ARG B 134 -11.55 6.44 28.74
C ARG B 134 -11.62 7.97 28.87
N VAL B 135 -10.56 8.68 28.49
CA VAL B 135 -10.53 10.12 28.68
C VAL B 135 -11.06 10.91 27.48
N SER B 136 -11.02 10.33 26.28
CA SER B 136 -11.44 11.06 25.09
C SER B 136 -12.90 10.81 24.73
N TYR B 137 -13.37 9.57 24.87
CA TYR B 137 -14.76 9.24 24.54
C TYR B 137 -15.79 10.14 25.22
N PRO B 138 -15.61 10.61 26.46
CA PRO B 138 -16.59 11.52 27.06
C PRO B 138 -16.81 12.81 26.27
N PHE B 139 -15.98 13.15 25.30
CA PHE B 139 -16.15 14.41 24.58
C PHE B 139 -16.85 14.26 23.24
N CYS B 140 -17.23 13.04 22.85
CA CYS B 140 -18.03 12.86 21.66
C CYS B 140 -19.46 13.34 21.91
N ASP B 141 -20.21 13.53 20.82
CA ASP B 141 -21.61 13.92 20.94
C ASP B 141 -22.53 12.72 21.07
N ALA B 142 -22.15 11.58 20.50
CA ALA B 142 -22.88 10.33 20.69
C ALA B 142 -21.96 9.18 20.34
N LEU B 143 -22.22 8.02 20.95
CA LEU B 143 -21.46 6.80 20.68
C LEU B 143 -22.44 5.69 20.35
N SER B 144 -22.28 5.08 19.17
CA SER B 144 -23.06 3.92 18.81
C SER B 144 -22.30 2.66 19.19
N VAL B 145 -23.02 1.71 19.80
CA VAL B 145 -22.44 0.44 20.21
C VAL B 145 -23.27 -0.69 19.60
N LEU B 146 -22.74 -1.91 19.70
CA LEU B 146 -23.30 -3.07 19.04
C LEU B 146 -24.05 -4.01 19.95
N GLY B 147 -23.94 -3.84 21.27
CA GLY B 147 -24.60 -4.74 22.20
C GLY B 147 -24.87 -4.07 23.52
N SER B 148 -25.82 -4.64 24.26
CA SER B 148 -26.20 -4.08 25.55
C SER B 148 -25.07 -4.14 26.56
N SER B 149 -24.20 -5.15 26.46
CA SER B 149 -23.04 -5.23 27.34
C SER B 149 -22.13 -4.02 27.15
N ASP B 150 -21.81 -3.70 25.90
CA ASP B 150 -21.01 -2.52 25.62
C ASP B 150 -21.74 -1.23 26.02
N LYS B 151 -23.07 -1.22 25.90
CA LYS B 151 -23.82 -0.01 26.24
C LYS B 151 -23.69 0.32 27.72
N VAL B 152 -23.78 -0.68 28.59
CA VAL B 152 -23.64 -0.40 30.02
C VAL B 152 -22.21 -0.05 30.35
N TYR B 153 -21.23 -0.60 29.62
CA TYR B 153 -19.84 -0.25 29.88
C TYR B 153 -19.57 1.21 29.57
N TYR B 154 -20.04 1.67 28.41
CA TYR B 154 -19.71 3.03 27.98
C TYR B 154 -20.60 4.08 28.61
N GLU B 155 -21.87 3.77 28.90
CA GLU B 155 -22.72 4.82 29.44
C GLU B 155 -22.36 5.18 30.88
N ARG B 156 -21.37 4.52 31.47
CA ARG B 156 -20.85 4.97 32.77
C ARG B 156 -20.07 6.27 32.63
N PHE B 157 -19.41 6.50 31.50
CA PHE B 157 -18.64 7.72 31.29
C PHE B 157 -18.94 8.44 29.98
N VAL B 158 -19.91 7.96 29.20
CA VAL B 158 -20.32 8.60 27.95
C VAL B 158 -21.78 8.97 28.09
N LYS B 159 -22.11 10.23 27.81
CA LYS B 159 -23.46 10.72 28.12
C LYS B 159 -24.53 10.11 27.23
N ARG B 160 -24.23 9.94 25.95
CA ARG B 160 -25.23 9.47 25.00
C ARG B 160 -24.70 8.28 24.22
N VAL B 161 -25.15 7.09 24.60
CA VAL B 161 -24.80 5.83 23.95
C VAL B 161 -26.07 5.20 23.42
N LYS B 162 -26.06 4.82 22.14
CA LYS B 162 -27.21 4.21 21.49
C LYS B 162 -26.81 2.87 20.87
N LEU B 163 -27.62 1.85 21.12
CA LEU B 163 -27.40 0.53 20.53
C LEU B 163 -27.95 0.55 19.11
N LEU B 164 -27.07 0.43 18.13
CA LEU B 164 -27.43 0.39 16.72
C LEU B 164 -26.86 -0.87 16.10
N LEU B 165 -27.73 -1.79 15.71
CA LEU B 165 -27.28 -3.00 15.04
C LEU B 165 -26.76 -2.65 13.65
N ASN B 166 -25.91 -3.54 13.12
CA ASN B 166 -25.33 -3.32 11.80
C ASN B 166 -26.31 -3.74 10.70
N PRO B 167 -26.48 -2.92 9.67
CA PRO B 167 -27.29 -3.35 8.53
C PRO B 167 -26.52 -4.33 7.67
N CYS B 168 -27.23 -5.34 7.16
CA CYS B 168 -26.67 -6.30 6.24
C CYS B 168 -27.11 -5.95 4.83
N HIS B 169 -26.15 -5.74 3.93
CA HIS B 169 -26.48 -5.36 2.57
C HIS B 169 -27.23 -6.44 1.84
N PHE B 170 -27.16 -7.70 2.30
CA PHE B 170 -27.91 -8.78 1.68
C PHE B 170 -29.40 -8.66 1.93
N SER B 171 -29.82 -7.86 2.91
CA SER B 171 -31.25 -7.70 3.18
C SER B 171 -31.98 -7.08 2.01
N ASP B 172 -31.26 -6.37 1.12
CA ASP B 172 -31.86 -5.71 -0.03
C ASP B 172 -31.53 -6.41 -1.34
N GLU B 173 -31.02 -7.64 -1.30
CA GLU B 173 -30.60 -8.31 -2.52
C GLU B 173 -31.18 -9.71 -2.62
N ILE B 174 -31.35 -10.39 -1.49
CA ILE B 174 -31.77 -11.78 -1.45
C ILE B 174 -33.25 -11.80 -1.05
N PRO B 175 -34.16 -12.19 -1.94
CA PRO B 175 -35.57 -12.30 -1.55
C PRO B 175 -35.75 -13.32 -0.43
N PHE B 176 -36.69 -13.00 0.48
CA PHE B 176 -36.92 -13.84 1.65
C PHE B 176 -37.42 -15.23 1.24
N ASP B 177 -38.09 -15.33 0.10
CA ASP B 177 -38.66 -16.58 -0.40
C ASP B 177 -37.64 -17.47 -1.09
N SER B 178 -36.35 -17.15 -1.00
CA SER B 178 -35.37 -17.84 -1.83
C SER B 178 -35.21 -19.29 -1.39
N SER B 179 -35.08 -20.17 -2.37
CA SER B 179 -34.67 -21.54 -2.15
C SER B 179 -33.24 -21.72 -2.64
N PHE B 180 -32.51 -22.58 -1.96
CA PHE B 180 -31.12 -22.85 -2.28
C PHE B 180 -30.95 -24.35 -2.40
N GLU B 181 -30.20 -24.79 -3.40
CA GLU B 181 -29.87 -26.21 -3.49
C GLU B 181 -28.44 -26.38 -3.02
N LYS B 182 -28.33 -26.78 -1.76
CA LYS B 182 -27.09 -26.78 -1.00
C LYS B 182 -26.18 -27.93 -1.43
N GLU B 183 -24.88 -27.68 -1.33
CA GLU B 183 -23.86 -28.70 -1.54
C GLU B 183 -23.26 -29.10 -0.20
N ASN B 184 -22.52 -30.21 -0.21
CA ASN B 184 -21.82 -30.66 0.97
C ASN B 184 -20.63 -29.75 1.25
N LEU B 185 -20.90 -28.56 1.77
CA LEU B 185 -19.92 -27.50 1.89
C LEU B 185 -20.00 -26.90 3.28
N VAL B 186 -18.85 -26.70 3.91
CA VAL B 186 -18.76 -26.07 5.23
C VAL B 186 -17.79 -24.90 5.12
N LEU B 187 -18.21 -23.73 5.61
CA LEU B 187 -17.47 -22.49 5.43
C LEU B 187 -16.83 -22.01 6.72
N PHE B 188 -15.66 -21.41 6.57
CA PHE B 188 -15.07 -20.51 7.56
C PHE B 188 -14.74 -19.23 6.81
N ILE B 189 -15.30 -18.11 7.27
CA ILE B 189 -15.13 -16.83 6.60
C ILE B 189 -14.63 -15.82 7.62
N GLY B 190 -13.42 -15.32 7.40
CA GLY B 190 -12.89 -14.33 8.32
C GLY B 190 -11.39 -14.15 8.16
N ARG B 191 -10.92 -13.04 8.72
CA ARG B 191 -9.49 -12.76 8.81
C ARG B 191 -8.76 -13.89 9.52
N LEU B 192 -7.55 -14.18 9.08
CA LEU B 192 -6.77 -15.29 9.62
C LEU B 192 -5.78 -14.73 10.65
N ASP B 193 -6.32 -14.37 11.82
CA ASP B 193 -5.48 -13.95 12.94
C ASP B 193 -5.84 -14.79 14.17
N HIS B 194 -5.11 -14.54 15.27
CA HIS B 194 -5.25 -15.36 16.47
C HIS B 194 -6.66 -15.27 17.04
N ASN B 195 -7.25 -14.08 17.05
CA ASN B 195 -8.56 -13.88 17.67
C ASN B 195 -9.64 -14.68 16.95
N LYS B 196 -9.58 -14.73 15.62
CA LYS B 196 -10.55 -15.49 14.85
C LYS B 196 -10.36 -17.00 15.03
N ASN B 197 -9.17 -17.41 15.49
CA ASN B 197 -8.89 -18.79 15.88
C ASN B 197 -9.25 -19.83 14.79
N PRO B 198 -8.73 -19.66 13.58
CA PRO B 198 -9.02 -20.66 12.53
C PRO B 198 -8.44 -22.03 12.81
N VAL B 199 -7.50 -22.16 13.75
CA VAL B 199 -6.95 -23.48 14.06
C VAL B 199 -8.01 -24.36 14.69
N PHE B 201 -11.04 -24.48 13.84
CA PHE B 201 -11.76 -25.03 12.70
C PHE B 201 -11.04 -26.23 12.11
N LEU B 202 -9.71 -26.13 11.95
CA LEU B 202 -8.95 -27.23 11.34
C LEU B 202 -8.94 -28.46 12.22
N LYS B 203 -8.72 -28.28 13.53
CA LYS B 203 -8.69 -29.42 14.45
C LYS B 203 -10.05 -30.09 14.55
N ALA B 204 -11.14 -29.33 14.42
CA ALA B 204 -12.46 -29.94 14.46
C ALA B 204 -12.69 -30.83 13.24
N ILE B 205 -12.22 -30.39 12.07
CA ILE B 205 -12.37 -31.19 10.85
C ILE B 205 -11.65 -32.53 11.01
N ALA B 206 -10.49 -32.52 11.67
CA ALA B 206 -9.71 -33.74 11.82
C ALA B 206 -10.43 -34.78 12.68
N HIS B 207 -11.31 -34.34 13.57
CA HIS B 207 -12.06 -35.25 14.44
C HIS B 207 -13.39 -35.69 13.83
N LEU B 208 -13.75 -35.21 12.65
CA LEU B 208 -15.00 -35.62 12.04
C LEU B 208 -14.90 -37.05 11.52
N ASP B 209 -16.05 -37.73 11.46
CA ASP B 209 -16.11 -39.05 10.86
C ASP B 209 -15.36 -39.07 9.54
N LYS B 210 -14.62 -40.16 9.31
CA LYS B 210 -14.05 -40.38 7.98
C LYS B 210 -15.12 -40.17 6.91
N ASN B 211 -16.27 -40.82 7.09
CA ASN B 211 -17.43 -40.68 6.22
C ASN B 211 -17.71 -39.23 5.82
N LEU B 212 -17.53 -38.30 6.76
CA LEU B 212 -17.85 -36.90 6.47
C LEU B 212 -16.70 -36.19 5.77
N GLN B 213 -15.46 -36.41 6.22
CA GLN B 213 -14.31 -35.73 5.62
C GLN B 213 -14.18 -36.09 4.13
N GLU B 214 -14.62 -37.28 3.74
CA GLU B 214 -14.51 -37.73 2.36
C GLU B 214 -15.62 -37.18 1.48
N ASN B 215 -16.78 -36.85 2.05
CA ASN B 215 -17.94 -36.42 1.27
C ASN B 215 -18.26 -34.95 1.43
N TYR B 216 -17.45 -34.18 2.15
CA TYR B 216 -17.71 -32.77 2.36
C TYR B 216 -16.48 -31.96 1.99
N LYS B 217 -16.72 -30.75 1.52
CA LYS B 217 -15.70 -29.83 1.17
C LYS B 217 -15.61 -28.78 2.28
N PHE B 218 -14.40 -28.40 2.67
CA PHE B 218 -14.18 -27.42 3.73
C PHE B 218 -13.41 -26.26 3.16
N VAL B 219 -13.96 -25.06 3.30
CA VAL B 219 -13.48 -23.87 2.62
C VAL B 219 -13.15 -22.81 3.67
N ILE B 220 -11.96 -22.20 3.53
CA ILE B 220 -11.57 -21.05 4.33
C ILE B 220 -11.46 -19.86 3.39
N ALA B 221 -12.33 -18.87 3.56
CA ALA B 221 -12.31 -17.64 2.79
C ALA B 221 -11.78 -16.51 3.67
N GLY B 222 -10.68 -15.92 3.25
CA GLY B 222 -10.04 -14.85 4.01
C GLY B 222 -8.53 -14.93 3.95
N ASP B 223 -7.84 -13.92 4.49
CA ASP B 223 -6.39 -13.94 4.54
C ASP B 223 -5.93 -13.22 5.79
N GLY B 224 -4.66 -13.42 6.14
CA GLY B 224 -4.12 -12.81 7.33
C GLY B 224 -2.78 -13.43 7.68
N GLU B 225 -2.29 -13.03 8.86
CA GLU B 225 -0.94 -13.39 9.28
C GLU B 225 -0.75 -14.89 9.40
N LEU B 226 -1.81 -15.63 9.71
CA LEU B 226 -1.71 -17.06 10.01
C LEU B 226 -1.82 -17.95 8.77
N ARG B 227 -1.94 -17.37 7.58
CA ARG B 227 -2.19 -18.17 6.37
C ARG B 227 -1.17 -19.29 6.21
N GLN B 228 0.11 -18.98 6.42
CA GLN B 228 1.16 -19.96 6.14
C GLN B 228 1.19 -21.05 7.21
N GLU B 229 1.04 -20.69 8.49
CA GLU B 229 1.02 -21.72 9.53
C GLU B 229 -0.20 -22.61 9.42
N LEU B 230 -1.31 -22.08 8.88
CA LEU B 230 -2.51 -22.90 8.76
C LEU B 230 -2.38 -23.93 7.66
N GLU B 231 -1.71 -23.57 6.56
CA GLU B 231 -1.49 -24.53 5.48
C GLU B 231 -0.57 -25.67 5.91
N TYR B 232 0.40 -25.38 6.77
CA TYR B 232 1.25 -26.44 7.31
C TYR B 232 0.47 -27.37 8.21
N LYS B 233 -0.37 -26.81 9.09
CA LYS B 233 -1.16 -27.62 10.00
C LYS B 233 -2.15 -28.50 9.25
N VAL B 234 -2.70 -28.01 8.13
CA VAL B 234 -3.60 -28.84 7.31
C VAL B 234 -2.88 -30.11 6.86
N LYS B 235 -1.59 -30.01 6.54
CA LYS B 235 -0.82 -31.18 6.14
C LYS B 235 -0.56 -32.09 7.33
N SER B 236 -0.07 -31.52 8.44
CA SER B 236 0.18 -32.30 9.65
C SER B 236 -1.06 -33.07 10.08
N LEU B 237 -2.23 -32.44 10.02
CA LEU B 237 -3.48 -33.09 10.39
C LEU B 237 -3.95 -34.08 9.33
N GLY B 238 -3.47 -33.97 8.10
CA GLY B 238 -3.93 -34.83 7.04
C GLY B 238 -5.38 -34.63 6.64
N ILE B 239 -5.81 -33.38 6.52
CA ILE B 239 -7.16 -33.05 6.10
C ILE B 239 -7.10 -32.23 4.82
N LYS B 240 -8.26 -32.06 4.18
CA LYS B 240 -8.41 -31.33 2.93
C LYS B 240 -9.19 -30.04 3.20
N VAL B 241 -8.52 -28.90 3.07
CA VAL B 241 -9.15 -27.60 3.25
C VAL B 241 -8.70 -26.71 2.10
N ASP B 242 -9.65 -25.99 1.50
CA ASP B 242 -9.35 -25.08 0.40
C ASP B 242 -9.25 -23.66 0.93
N PHE B 243 -8.07 -23.07 0.77
CA PHE B 243 -7.84 -21.67 1.09
C PHE B 243 -8.06 -20.86 -0.18
N LEU B 244 -9.14 -20.07 -0.20
CA LEU B 244 -9.45 -19.22 -1.32
C LEU B 244 -8.81 -17.84 -1.21
N GLY B 245 -8.11 -17.57 -0.10
CA GLY B 245 -7.65 -16.21 0.11
C GLY B 245 -8.85 -15.29 0.31
N ARG B 246 -8.58 -13.99 0.19
CA ARG B 246 -9.65 -13.01 0.30
C ARG B 246 -10.47 -13.00 -0.98
N VAL B 247 -11.79 -13.16 -0.84
CA VAL B 247 -12.71 -13.37 -1.94
C VAL B 247 -13.70 -12.23 -2.00
N GLU B 248 -14.01 -11.77 -3.21
CA GLU B 248 -15.04 -10.74 -3.31
C GLU B 248 -16.45 -11.33 -3.38
N ASN B 249 -16.59 -12.48 -4.05
CA ASN B 249 -17.90 -13.11 -4.23
C ASN B 249 -18.15 -14.12 -3.12
N VAL B 250 -18.37 -13.60 -1.92
CA VAL B 250 -18.77 -14.45 -0.80
C VAL B 250 -20.21 -14.92 -0.97
N LYS B 251 -21.01 -14.20 -1.76
CA LYS B 251 -22.40 -14.61 -2.01
C LYS B 251 -22.47 -16.01 -2.59
N ALA B 252 -21.57 -16.33 -3.52
CA ALA B 252 -21.55 -17.66 -4.11
C ALA B 252 -21.31 -18.72 -3.04
N LEU B 253 -20.40 -18.45 -2.10
CA LEU B 253 -20.13 -19.42 -1.05
C LEU B 253 -21.37 -19.67 -0.18
N TYR B 254 -22.02 -18.60 0.28
CA TYR B 254 -23.18 -18.75 1.16
C TYR B 254 -24.30 -19.53 0.49
N GLU B 255 -24.49 -19.33 -0.82
CA GLU B 255 -25.61 -19.97 -1.49
C GLU B 255 -25.49 -21.49 -1.49
N LYS B 256 -24.26 -22.01 -1.62
CA LYS B 256 -24.05 -23.44 -1.68
C LYS B 256 -23.80 -24.08 -0.32
N ALA B 257 -23.40 -23.30 0.68
CA ALA B 257 -22.94 -23.87 1.94
C ALA B 257 -24.10 -24.28 2.83
N LYS B 258 -23.92 -25.37 3.56
CA LYS B 258 -24.91 -25.77 4.55
C LYS B 258 -24.58 -25.28 5.94
N VAL B 259 -23.30 -25.14 6.29
CA VAL B 259 -22.88 -24.79 7.63
C VAL B 259 -21.75 -23.76 7.56
N LEU B 260 -21.77 -22.81 8.49
CA LEU B 260 -20.65 -21.89 8.70
C LEU B 260 -20.20 -21.97 10.15
N CYS B 261 -18.89 -21.94 10.37
CA CYS B 261 -18.32 -22.02 11.71
C CYS B 261 -17.56 -20.74 12.03
N LEU B 262 -17.83 -20.18 13.20
CA LEU B 262 -17.09 -19.04 13.75
C LEU B 262 -16.43 -19.49 15.04
N CYS B 263 -15.13 -19.23 15.17
CA CYS B 263 -14.34 -19.76 16.28
C CYS B 263 -13.70 -18.67 17.14
N SER B 264 -14.22 -17.45 17.09
CA SER B 264 -13.53 -16.31 17.67
C SER B 264 -13.56 -16.34 19.19
N PHE B 265 -12.56 -15.69 19.80
CA PHE B 265 -12.56 -15.46 21.24
C PHE B 265 -13.37 -14.22 21.61
N VAL B 266 -13.25 -13.15 20.83
CA VAL B 266 -13.88 -11.88 21.13
C VAL B 266 -14.47 -11.30 19.85
N GLU B 267 -15.74 -10.91 19.90
CA GLU B 267 -16.40 -10.28 18.76
C GLU B 267 -17.32 -9.18 19.26
N GLY B 268 -17.65 -8.26 18.37
CA GLY B 268 -18.69 -7.29 18.64
C GLY B 268 -20.04 -7.82 18.18
N LEU B 269 -20.23 -7.85 16.87
CA LEU B 269 -21.44 -8.40 16.25
C LEU B 269 -21.04 -9.01 14.92
N PRO B 270 -20.54 -10.25 14.94
CA PRO B 270 -19.82 -10.77 13.77
C PRO B 270 -20.69 -10.82 12.51
N THR B 271 -20.15 -10.28 11.42
CA THR B 271 -20.92 -10.08 10.21
C THR B 271 -21.35 -11.40 9.58
N VAL B 272 -20.52 -12.45 9.68
CA VAL B 272 -20.86 -13.72 9.03
C VAL B 272 -22.01 -14.43 9.73
N LEU B 273 -22.24 -14.15 11.01
CA LEU B 273 -23.40 -14.71 11.69
C LEU B 273 -24.69 -13.96 11.36
N ILE B 274 -24.58 -12.82 10.68
CA ILE B 274 -25.73 -12.10 10.16
C ILE B 274 -25.97 -12.43 8.70
N GLU B 275 -24.91 -12.41 7.89
CA GLU B 275 -25.02 -12.74 6.47
C GLU B 275 -25.54 -14.16 6.26
N SER B 276 -25.24 -15.07 7.18
CA SER B 276 -25.69 -16.45 7.04
C SER B 276 -27.20 -16.57 7.08
N LEU B 277 -27.88 -15.65 7.76
CA LEU B 277 -29.32 -15.74 7.94
C LEU B 277 -30.07 -15.71 6.61
N TYR B 278 -29.54 -15.00 5.63
CA TYR B 278 -30.23 -14.78 4.37
C TYR B 278 -30.00 -15.88 3.35
N PHE B 279 -29.14 -16.86 3.67
CA PHE B 279 -28.83 -17.94 2.74
C PHE B 279 -29.10 -19.33 3.33
N GLU B 280 -29.85 -19.42 4.42
CA GLU B 280 -30.17 -20.69 5.06
C GLU B 280 -28.91 -21.49 5.37
N VAL B 281 -27.89 -20.78 5.84
CA VAL B 281 -26.63 -21.39 6.26
C VAL B 281 -26.70 -21.59 7.76
N CYS B 282 -26.52 -22.83 8.21
CA CYS B 282 -26.60 -23.13 9.63
C CYS B 282 -25.39 -22.58 10.35
N ARG B 283 -25.61 -21.87 11.45
CA ARG B 283 -24.56 -21.17 12.16
C ARG B 283 -24.12 -21.99 13.37
N ILE B 284 -22.83 -22.29 13.44
CA ILE B 284 -22.19 -22.87 14.61
C ILE B 284 -21.12 -21.89 15.07
N SER B 285 -21.18 -21.50 16.34
CA SER B 285 -20.32 -20.44 16.82
C SER B 285 -19.77 -20.80 18.20
N SER B 286 -18.48 -20.48 18.40
CA SER B 286 -17.96 -20.44 19.76
C SER B 286 -18.72 -19.38 20.54
N SER B 287 -18.77 -19.55 21.86
CA SER B 287 -19.41 -18.56 22.72
C SER B 287 -18.42 -17.43 22.99
N TYR B 288 -18.17 -16.65 21.94
CA TYR B 288 -17.20 -15.58 22.00
C TYR B 288 -17.58 -14.57 23.08
N TYR B 289 -16.59 -13.82 23.55
CA TYR B 289 -16.80 -13.03 24.75
C TYR B 289 -17.95 -12.04 24.60
N ASN B 290 -18.96 -12.40 25.34
CA ASN B 290 -20.22 -11.83 25.60
C ASN B 290 -21.41 -11.64 24.71
N GLY B 291 -21.32 -11.48 23.42
CA GLY B 291 -22.55 -11.28 22.67
C GLY B 291 -23.19 -12.46 21.95
N ALA B 292 -22.71 -13.69 22.11
CA ALA B 292 -23.10 -14.77 21.20
C ALA B 292 -24.60 -15.06 21.26
N LYS B 293 -25.20 -14.98 22.45
CA LYS B 293 -26.58 -15.39 22.64
C LYS B 293 -27.55 -14.33 22.12
N ASP B 294 -27.05 -13.13 21.85
CA ASP B 294 -27.85 -12.12 21.16
C ASP B 294 -28.02 -12.46 19.68
N LEU B 295 -27.23 -13.38 19.14
CA LEU B 295 -27.34 -13.78 17.74
C LEU B 295 -27.80 -15.22 17.54
N ILE B 296 -27.55 -16.09 18.51
CA ILE B 296 -27.88 -17.51 18.39
C ILE B 296 -28.60 -17.94 19.64
N LYS B 297 -29.81 -18.49 19.47
CA LYS B 297 -30.47 -19.25 20.52
C LYS B 297 -30.05 -20.71 20.35
N ASP B 298 -29.24 -21.20 21.28
CA ASP B 298 -28.65 -22.53 21.15
C ASP B 298 -29.73 -23.59 21.00
N ASN B 299 -29.62 -24.39 19.94
CA ASN B 299 -30.51 -25.49 19.57
C ASN B 299 -31.86 -25.01 19.03
N HIS B 300 -32.02 -23.72 18.77
CA HIS B 300 -33.25 -23.18 18.19
C HIS B 300 -33.03 -22.60 16.80
N ASP B 301 -32.02 -21.73 16.64
CA ASP B 301 -31.68 -21.18 15.33
C ASP B 301 -30.18 -21.25 15.06
N GLY B 302 -29.49 -22.15 15.72
CA GLY B 302 -28.05 -22.25 15.61
C GLY B 302 -27.49 -23.03 16.79
N LEU B 303 -26.17 -23.18 16.80
CA LEU B 303 -25.52 -23.97 17.82
C LEU B 303 -24.31 -23.23 18.36
N LEU B 304 -24.12 -23.29 19.68
CA LEU B 304 -23.01 -22.64 20.35
C LEU B 304 -22.10 -23.69 20.98
N VAL B 305 -20.81 -23.39 21.03
CA VAL B 305 -19.83 -24.23 21.70
C VAL B 305 -18.94 -23.34 22.57
N GLY B 306 -18.25 -23.98 23.52
CA GLY B 306 -17.29 -23.26 24.33
C GLY B 306 -16.13 -22.76 23.51
N CYS B 307 -15.50 -21.70 24.01
CA CYS B 307 -14.34 -21.14 23.33
C CYS B 307 -13.21 -22.15 23.30
N ASP B 308 -12.57 -22.30 22.13
CA ASP B 308 -11.40 -23.15 21.92
C ASP B 308 -11.70 -24.63 22.09
N ASP B 309 -12.97 -25.03 21.99
CA ASP B 309 -13.37 -26.43 22.18
C ASP B 309 -13.58 -27.08 20.82
N GLU B 310 -12.49 -27.56 20.24
CA GLU B 310 -12.54 -28.19 18.92
C GLU B 310 -13.29 -29.52 18.94
N ILE B 311 -13.36 -30.18 20.09
CA ILE B 311 -14.10 -31.44 20.18
C ILE B 311 -15.59 -31.17 20.13
N ALA B 312 -16.05 -30.16 20.89
CA ALA B 312 -17.46 -29.80 20.85
C ALA B 312 -17.88 -29.32 19.47
N LEU B 313 -17.01 -28.56 18.79
CA LEU B 313 -17.32 -28.12 17.44
C LEU B 313 -17.53 -29.31 16.52
N ALA B 314 -16.68 -30.33 16.63
CA ALA B 314 -16.84 -31.53 15.81
C ALA B 314 -18.16 -32.24 16.12
N LYS B 315 -18.55 -32.30 17.40
CA LYS B 315 -19.85 -32.89 17.75
C LYS B 315 -20.98 -32.15 17.06
N LYS B 316 -20.96 -30.82 17.15
CA LYS B 316 -22.07 -30.04 16.62
C LYS B 316 -22.10 -30.09 15.10
N LEU B 317 -20.92 -30.07 14.47
CA LEU B 317 -20.86 -30.27 13.02
C LEU B 317 -21.51 -31.58 12.62
N GLU B 318 -21.19 -32.66 13.31
CA GLU B 318 -21.80 -33.95 12.99
C GLU B 318 -23.27 -33.98 13.33
N LEU B 319 -23.71 -33.16 14.29
CA LEU B 319 -25.11 -33.14 14.69
C LEU B 319 -26.00 -32.64 13.56
N VAL B 320 -25.54 -31.67 12.79
CA VAL B 320 -26.38 -31.09 11.73
C VAL B 320 -26.06 -31.73 10.38
N LEU B 321 -24.83 -32.22 10.20
CA LEU B 321 -24.49 -32.89 8.95
C LEU B 321 -25.06 -34.29 8.87
N ASN B 322 -25.36 -34.91 10.01
CA ASN B 322 -26.02 -36.21 10.05
C ASN B 322 -27.53 -36.11 10.27
N ASP B 323 -28.10 -34.91 10.22
CA ASP B 323 -29.55 -34.73 10.43
C ASP B 323 -29.97 -33.48 9.68
N GLU B 324 -30.33 -33.66 8.40
CA GLU B 324 -30.72 -32.52 7.57
C GLU B 324 -32.02 -31.88 8.04
N ASN B 325 -32.95 -32.67 8.56
CA ASN B 325 -34.20 -32.10 9.06
C ASN B 325 -33.94 -31.18 10.25
N PHE B 326 -32.97 -31.54 11.09
CA PHE B 326 -32.62 -30.67 12.21
C PHE B 326 -31.92 -29.41 11.74
N ARG B 327 -31.01 -29.54 10.78
CA ARG B 327 -30.35 -28.36 10.21
C ARG B 327 -31.38 -27.43 9.55
N LYS B 328 -32.33 -28.01 8.82
CA LYS B 328 -33.34 -27.20 8.15
C LYS B 328 -34.21 -26.46 9.17
N GLU B 329 -34.49 -27.10 10.31
CA GLU B 329 -35.29 -26.44 11.34
C GLU B 329 -34.55 -25.26 11.94
N LEU B 330 -33.24 -25.43 12.19
CA LEU B 330 -32.45 -24.34 12.74
C LEU B 330 -32.45 -23.12 11.81
N VAL B 331 -32.18 -23.36 10.52
CA VAL B 331 -32.07 -22.23 9.60
C VAL B 331 -33.44 -21.60 9.35
N ASN B 332 -34.53 -22.37 9.44
CA ASN B 332 -35.84 -21.78 9.29
C ASN B 332 -36.17 -20.87 10.46
N ASN B 333 -35.85 -21.28 11.69
CA ASN B 333 -36.03 -20.41 12.84
C ASN B 333 -35.13 -19.18 12.74
N ALA B 334 -33.94 -19.32 12.17
CA ALA B 334 -33.01 -18.20 12.07
C ALA B 334 -33.56 -17.09 11.18
N LYS B 335 -34.37 -17.44 10.18
CA LYS B 335 -34.88 -16.44 9.24
C LYS B 335 -35.73 -15.38 9.92
N GLN B 336 -36.28 -15.67 11.11
CA GLN B 336 -37.04 -14.67 11.84
C GLN B 336 -36.18 -13.46 12.20
N ARG B 337 -34.86 -13.60 12.19
CA ARG B 337 -33.95 -12.53 12.58
C ARG B 337 -33.53 -11.63 11.42
N CYS B 338 -33.89 -12.00 10.18
CA CYS B 338 -33.47 -11.21 9.03
C CYS B 338 -33.96 -9.77 9.12
N LYS B 339 -35.17 -9.57 9.67
CA LYS B 339 -35.74 -8.23 9.75
C LYS B 339 -35.00 -7.32 10.72
N ASP B 340 -34.22 -7.88 11.65
CA ASP B 340 -33.50 -7.06 12.61
C ASP B 340 -32.35 -6.29 11.98
N PHE B 341 -31.93 -6.65 10.77
CA PHE B 341 -30.73 -6.06 10.17
C PHE B 341 -31.02 -5.45 8.80
N GLU B 342 -32.26 -5.12 8.50
CA GLU B 342 -32.58 -4.54 7.20
C GLU B 342 -32.12 -3.10 7.14
N ILE B 343 -31.63 -2.69 5.97
CA ILE B 343 -30.95 -1.41 5.80
C ILE B 343 -31.87 -0.24 6.12
N SER B 344 -33.14 -0.32 5.69
CA SER B 344 -34.02 0.84 5.78
C SER B 344 -34.29 1.22 7.23
N ASN B 345 -34.55 0.24 8.10
CA ASN B 345 -34.83 0.55 9.49
C ASN B 345 -33.57 1.05 10.21
N ILE B 346 -32.42 0.47 9.89
CA ILE B 346 -31.17 0.91 10.51
C ILE B 346 -30.80 2.31 10.04
N LYS B 347 -31.06 2.61 8.77
CA LYS B 347 -30.76 3.94 8.25
C LYS B 347 -31.55 5.02 8.99
N GLU B 348 -32.83 4.75 9.28
CA GLU B 348 -33.65 5.76 9.94
C GLU B 348 -33.20 5.99 11.38
N GLU B 349 -32.70 4.95 12.06
CA GLU B 349 -32.20 5.15 13.42
C GLU B 349 -30.95 6.02 13.42
N TRP B 350 -30.10 5.87 12.42
CA TRP B 350 -28.95 6.76 12.30
C TRP B 350 -29.39 8.21 12.08
N LEU B 351 -30.39 8.41 11.23
CA LEU B 351 -30.84 9.77 10.94
C LEU B 351 -31.49 10.40 12.15
N LYS B 352 -32.20 9.61 12.96
CA LYS B 352 -32.73 10.15 14.22
C LYS B 352 -31.60 10.51 15.18
N LEU B 353 -30.56 9.68 15.25
CA LEU B 353 -29.42 10.02 16.10
C LEU B 353 -28.70 11.26 15.60
N ILE B 354 -28.57 11.41 14.27
CA ILE B 354 -27.93 12.59 13.70
C ILE B 354 -28.73 13.84 14.03
N VAL B 355 -30.06 13.77 13.89
CA VAL B 355 -30.90 14.93 14.21
C VAL B 355 -30.89 15.19 15.71
N GLU B 356 -30.93 14.12 16.51
CA GLU B 356 -30.87 14.27 17.95
C GLU B 356 -29.57 14.93 18.39
N VAL B 357 -28.48 14.68 17.66
CA VAL B 357 -27.18 15.23 18.02
C VAL B 357 -27.03 16.66 17.49
N LYS B 358 -27.59 16.94 16.31
CA LYS B 358 -27.53 18.30 15.79
C LYS B 358 -28.44 19.25 16.56
N ASN B 359 -29.53 18.75 17.13
CA ASN B 359 -30.48 19.61 17.83
C ASN B 359 -30.09 19.90 19.26
N ALA B 360 -29.20 19.11 19.85
CA ALA B 360 -28.59 19.48 21.11
C ALA B 360 -27.50 20.53 20.93
#